data_6IOT
#
_entry.id   6IOT
#
_cell.length_a   64.530
_cell.length_b   102.750
_cell.length_c   93.410
_cell.angle_alpha   90.00
_cell.angle_beta   94.51
_cell.angle_gamma   90.00
#
_symmetry.space_group_name_H-M   'P 1 21 1'
#
loop_
_entity.id
_entity.type
_entity.pdbx_description
1 polymer 'Methyl-accepting chemotaxis protein'
2 non-polymer ARGININE
3 non-polymer 'CALCIUM ION'
4 water water
#
_entity_poly.entity_id   1
_entity_poly.type   'polypeptide(L)'
_entity_poly.pdbx_seq_one_letter_code
;GPLGSVREEIESLVQDSLMEMVKGVKNTIESDLASKKGLAQSTTEILQLDPTNKAFAKSVLESPNLKGSFLAIGLGYESD
ATVVENDDGWEPNADYDPRKRPWYVDAKRERKLVVTEPYVDISTKKIIISIGTPVYQQSNFVGAMFYDVELTQLAQLVNS
VNLFDAGYLFITTKDGVTIAHPNAENNGEKFSQFLPNVDLKEGTQRIELDGKYYLVKFAQVPSESWYIGAVVDESIAFAM
VDDLRHSSLIHHHHHH
;
_entity_poly.pdbx_strand_id   A,B,C,D
#
# COMPACT_ATOMS: atom_id res chain seq x y z
N GLY A 4 16.99 -20.50 -11.93
CA GLY A 4 18.03 -19.58 -11.52
C GLY A 4 17.48 -18.48 -10.63
N SER A 5 18.36 -17.57 -10.22
CA SER A 5 17.96 -16.47 -9.34
C SER A 5 17.17 -15.41 -10.13
N VAL A 6 17.54 -15.23 -11.39
CA VAL A 6 16.90 -14.22 -12.23
C VAL A 6 15.49 -14.65 -12.62
N ARG A 7 15.30 -15.95 -12.83
CA ARG A 7 13.99 -16.50 -13.15
C ARG A 7 13.07 -16.43 -11.95
N GLU A 8 13.64 -16.60 -10.76
CA GLU A 8 12.87 -16.49 -9.52
C GLU A 8 12.49 -15.04 -9.23
N GLU A 9 13.33 -14.12 -9.68
CA GLU A 9 13.03 -12.70 -9.53
C GLU A 9 11.85 -12.30 -10.41
N ILE A 10 11.79 -12.87 -11.61
CA ILE A 10 10.67 -12.66 -12.52
C ILE A 10 9.38 -13.14 -11.86
N GLU A 11 9.43 -14.35 -11.30
CA GLU A 11 8.28 -14.93 -10.61
C GLU A 11 7.87 -14.08 -9.42
N SER A 12 8.84 -13.41 -8.80
CA SER A 12 8.57 -12.53 -7.67
C SER A 12 7.87 -11.25 -8.13
N LEU A 13 8.33 -10.70 -9.24
CA LEU A 13 7.77 -9.46 -9.78
C LEU A 13 6.38 -9.69 -10.36
N VAL A 14 6.15 -10.88 -10.91
CA VAL A 14 4.84 -11.25 -11.42
C VAL A 14 3.86 -11.39 -10.26
N GLN A 15 4.34 -11.95 -9.15
CA GLN A 15 3.52 -12.11 -7.96
C GLN A 15 3.14 -10.76 -7.37
N ASP A 16 4.06 -9.80 -7.44
CA ASP A 16 3.81 -8.45 -6.93
C ASP A 16 2.69 -7.77 -7.70
N SER A 17 2.74 -7.91 -9.03
CA SER A 17 1.70 -7.32 -9.89
C SER A 17 0.37 -8.03 -9.68
N LEU A 18 0.44 -9.36 -9.51
CA LEU A 18 -0.74 -10.17 -9.29
C LEU A 18 -1.48 -9.76 -8.00
N MET A 19 -0.73 -9.65 -6.91
CA MET A 19 -1.29 -9.27 -5.63
C MET A 19 -1.87 -7.85 -5.68
N GLU A 20 -1.22 -6.98 -6.45
CA GLU A 20 -1.67 -5.61 -6.60
C GLU A 20 -3.02 -5.55 -7.29
N MET A 21 -3.22 -6.43 -8.27
CA MET A 21 -4.46 -6.48 -9.03
C MET A 21 -5.60 -7.05 -8.19
N VAL A 22 -5.30 -8.05 -7.38
CA VAL A 22 -6.28 -8.62 -6.46
C VAL A 22 -6.77 -7.53 -5.50
N LYS A 23 -5.84 -6.74 -5.00
CA LYS A 23 -6.15 -5.63 -4.11
C LYS A 23 -6.98 -4.57 -4.85
N GLY A 24 -6.63 -4.31 -6.10
CA GLY A 24 -7.33 -3.31 -6.90
C GLY A 24 -8.76 -3.69 -7.19
N VAL A 25 -9.01 -4.98 -7.40
CA VAL A 25 -10.35 -5.48 -7.66
C VAL A 25 -11.22 -5.33 -6.41
N LYS A 26 -10.65 -5.66 -5.26
CA LYS A 26 -11.36 -5.56 -4.00
C LYS A 26 -11.62 -4.10 -3.60
N ASN A 27 -10.73 -3.21 -4.04
CA ASN A 27 -10.82 -1.80 -3.66
C ASN A 27 -11.68 -0.98 -4.62
N THR A 28 -12.07 -1.57 -5.74
CA THR A 28 -12.93 -0.87 -6.70
C THR A 28 -14.25 -1.62 -6.90
N ILE A 29 -14.16 -2.87 -7.34
CA ILE A 29 -15.36 -3.64 -7.67
C ILE A 29 -16.17 -4.02 -6.43
N GLU A 30 -15.49 -4.53 -5.39
CA GLU A 30 -16.18 -5.01 -4.20
C GLU A 30 -16.82 -3.87 -3.42
N SER A 31 -16.14 -2.73 -3.35
CA SER A 31 -16.71 -1.54 -2.70
C SER A 31 -17.85 -0.98 -3.56
N ASP A 32 -17.75 -1.17 -4.87
CA ASP A 32 -18.80 -0.79 -5.79
C ASP A 32 -20.02 -1.68 -5.58
N LEU A 33 -19.78 -2.97 -5.41
CA LEU A 33 -20.86 -3.93 -5.14
C LEU A 33 -21.48 -3.70 -3.78
N ALA A 34 -20.64 -3.40 -2.79
CA ALA A 34 -21.10 -3.15 -1.43
C ALA A 34 -22.10 -1.99 -1.39
N SER A 35 -21.80 -0.95 -2.14
CA SER A 35 -22.67 0.22 -2.22
C SER A 35 -23.95 -0.11 -2.99
N LYS A 36 -23.82 -0.89 -4.05
CA LYS A 36 -24.95 -1.24 -4.89
C LYS A 36 -25.86 -2.28 -4.22
N LYS A 37 -25.27 -3.14 -3.39
CA LYS A 37 -26.05 -4.13 -2.66
C LYS A 37 -26.95 -3.47 -1.62
N GLY A 38 -26.40 -2.50 -0.91
CA GLY A 38 -27.16 -1.76 0.08
C GLY A 38 -28.29 -0.97 -0.56
N LEU A 39 -28.05 -0.50 -1.78
CA LEU A 39 -29.07 0.25 -2.52
C LEU A 39 -30.16 -0.68 -3.03
N ALA A 40 -29.76 -1.84 -3.53
CA ALA A 40 -30.70 -2.82 -4.05
C ALA A 40 -31.55 -3.41 -2.94
N GLN A 41 -30.97 -3.51 -1.74
CA GLN A 41 -31.69 -4.03 -0.58
C GLN A 41 -32.75 -3.06 -0.11
N SER A 42 -32.38 -1.78 0.00
CA SER A 42 -33.32 -0.74 0.42
C SER A 42 -34.40 -0.51 -0.63
N THR A 43 -34.04 -0.68 -1.89
CA THR A 43 -34.99 -0.53 -2.98
C THR A 43 -36.04 -1.63 -2.95
N THR A 44 -35.60 -2.84 -2.62
CA THR A 44 -36.49 -3.99 -2.55
C THR A 44 -37.52 -3.83 -1.43
N GLU A 45 -37.05 -3.41 -0.27
CA GLU A 45 -37.92 -3.26 0.89
C GLU A 45 -38.93 -2.13 0.69
N ILE A 46 -38.53 -1.09 -0.02
CA ILE A 46 -39.44 0.02 -0.35
C ILE A 46 -40.54 -0.47 -1.28
N LEU A 47 -40.19 -1.31 -2.24
CA LEU A 47 -41.17 -1.85 -3.17
C LEU A 47 -42.08 -2.88 -2.50
N GLN A 48 -41.66 -3.37 -1.33
CA GLN A 48 -42.45 -4.35 -0.59
C GLN A 48 -43.59 -3.69 0.18
N LEU A 49 -43.68 -2.37 0.10
CA LEU A 49 -44.79 -1.64 0.70
C LEU A 49 -46.05 -1.88 -0.13
N ASP A 50 -45.88 -1.96 -1.44
CA ASP A 50 -46.98 -2.31 -2.34
C ASP A 50 -46.43 -3.04 -3.57
N PRO A 51 -46.06 -4.32 -3.38
CA PRO A 51 -45.39 -5.13 -4.41
C PRO A 51 -46.21 -5.33 -5.68
N THR A 52 -47.52 -5.47 -5.54
CA THR A 52 -48.38 -5.74 -6.69
C THR A 52 -48.72 -4.48 -7.47
N ASN A 53 -48.31 -3.33 -6.94
CA ASN A 53 -48.55 -2.06 -7.60
C ASN A 53 -47.55 -1.86 -8.74
N LYS A 54 -47.98 -2.14 -9.96
CA LYS A 54 -47.14 -2.00 -11.15
C LYS A 54 -46.63 -0.57 -11.33
N ALA A 55 -47.51 0.40 -11.14
CA ALA A 55 -47.18 1.81 -11.33
C ALA A 55 -46.16 2.29 -10.30
N PHE A 56 -46.37 1.92 -9.05
CA PHE A 56 -45.48 2.32 -7.96
C PHE A 56 -44.07 1.79 -8.19
N ALA A 57 -43.97 0.54 -8.61
CA ALA A 57 -42.67 -0.06 -8.89
C ALA A 57 -41.98 0.66 -10.04
N LYS A 58 -42.73 0.94 -11.09
CA LYS A 58 -42.21 1.62 -12.27
C LYS A 58 -41.66 3.00 -11.92
N SER A 59 -42.45 3.79 -11.19
CA SER A 59 -42.04 5.14 -10.83
C SER A 59 -40.80 5.14 -9.95
N VAL A 60 -40.67 4.13 -9.09
CA VAL A 60 -39.51 4.00 -8.23
C VAL A 60 -38.27 3.59 -9.02
N LEU A 61 -38.44 2.63 -9.92
CA LEU A 61 -37.33 2.15 -10.74
C LEU A 61 -36.89 3.21 -11.76
N GLU A 62 -37.72 4.21 -11.98
CA GLU A 62 -37.40 5.28 -12.92
C GLU A 62 -36.79 6.49 -12.22
N SER A 63 -36.62 6.40 -10.91
CA SER A 63 -35.97 7.46 -10.15
C SER A 63 -34.53 7.61 -10.64
N PRO A 64 -34.14 8.85 -10.96
CA PRO A 64 -32.89 9.19 -11.67
C PRO A 64 -31.62 8.54 -11.10
N ASN A 65 -31.36 8.71 -9.81
CA ASN A 65 -30.15 8.18 -9.21
C ASN A 65 -30.12 6.65 -9.25
N LEU A 66 -31.27 6.05 -8.98
CA LEU A 66 -31.40 4.59 -9.02
C LEU A 66 -31.25 4.09 -10.45
N LYS A 67 -31.84 4.81 -11.40
CA LYS A 67 -31.76 4.46 -12.81
C LYS A 67 -30.36 4.72 -13.37
N GLY A 68 -29.59 5.57 -12.68
CA GLY A 68 -28.25 5.91 -13.11
C GLY A 68 -27.16 5.13 -12.38
N SER A 69 -27.56 4.28 -11.45
CA SER A 69 -26.60 3.51 -10.65
C SER A 69 -26.52 2.06 -11.12
N PHE A 70 -27.40 1.68 -12.05
CA PHE A 70 -27.41 0.31 -12.56
C PHE A 70 -27.58 0.29 -14.07
N LEU A 71 -27.21 -0.83 -14.69
CA LEU A 71 -27.37 -0.99 -16.13
C LEU A 71 -28.84 -1.14 -16.48
N ALA A 72 -29.56 -1.87 -15.63
CA ALA A 72 -30.99 -2.09 -15.79
C ALA A 72 -31.59 -2.66 -14.51
N ILE A 73 -32.78 -2.20 -14.17
CA ILE A 73 -33.49 -2.72 -12.99
C ILE A 73 -34.86 -3.24 -13.41
N GLY A 74 -35.25 -4.39 -12.87
CA GLY A 74 -36.54 -4.97 -13.20
C GLY A 74 -37.12 -5.87 -12.12
N LEU A 75 -38.40 -6.16 -12.25
CA LEU A 75 -39.10 -7.03 -11.31
C LEU A 75 -39.92 -8.08 -12.06
N GLY A 76 -39.57 -9.35 -11.87
CA GLY A 76 -40.30 -10.44 -12.47
C GLY A 76 -41.30 -11.03 -11.50
N TYR A 77 -42.50 -11.34 -11.98
CA TYR A 77 -43.55 -11.86 -11.11
C TYR A 77 -43.72 -13.37 -11.26
N GLU A 78 -44.19 -14.00 -10.18
CA GLU A 78 -44.36 -15.45 -10.14
C GLU A 78 -45.66 -15.88 -10.82
N SER A 79 -46.59 -14.93 -10.96
CA SER A 79 -47.90 -15.23 -11.53
C SER A 79 -47.96 -14.94 -13.02
N ASP A 80 -48.11 -13.66 -13.36
CA ASP A 80 -48.24 -13.24 -14.75
C ASP A 80 -46.97 -13.49 -15.56
N ALA A 81 -45.86 -13.72 -14.86
CA ALA A 81 -44.53 -13.76 -15.46
C ALA A 81 -44.23 -12.43 -16.15
N THR A 82 -44.89 -11.37 -15.69
CA THR A 82 -44.69 -10.03 -16.25
C THR A 82 -43.44 -9.39 -15.67
N VAL A 83 -42.94 -8.36 -16.36
CA VAL A 83 -41.73 -7.67 -15.93
C VAL A 83 -41.96 -6.17 -15.84
N VAL A 84 -41.56 -5.58 -14.71
CA VAL A 84 -41.54 -4.13 -14.61
C VAL A 84 -40.10 -3.65 -14.74
N GLU A 85 -39.79 -3.12 -15.92
CA GLU A 85 -38.44 -2.82 -16.38
C GLU A 85 -38.21 -1.30 -16.40
N ASN A 86 -36.96 -0.87 -16.37
CA ASN A 86 -36.66 0.56 -16.48
C ASN A 86 -35.70 0.89 -17.64
N ASP A 87 -35.52 -0.05 -18.56
CA ASP A 87 -34.65 0.13 -19.71
C ASP A 87 -35.42 0.73 -20.88
N ASP A 88 -35.06 1.94 -21.28
CA ASP A 88 -35.77 2.62 -22.35
C ASP A 88 -35.65 1.88 -23.68
N GLY A 89 -34.50 1.26 -23.91
CA GLY A 89 -34.25 0.58 -25.17
C GLY A 89 -34.51 -0.91 -25.21
N TRP A 90 -35.14 -1.44 -24.15
CA TRP A 90 -35.46 -2.86 -24.09
C TRP A 90 -36.95 -3.08 -23.90
N GLU A 91 -37.38 -4.32 -24.10
CA GLU A 91 -38.73 -4.78 -23.77
C GLU A 91 -38.73 -6.30 -23.90
N PRO A 92 -39.07 -7.01 -22.82
CA PRO A 92 -38.97 -8.48 -22.78
C PRO A 92 -39.71 -9.16 -23.93
N ASN A 93 -39.00 -10.00 -24.68
CA ASN A 93 -39.63 -10.78 -25.74
C ASN A 93 -40.63 -11.77 -25.17
N ALA A 94 -41.43 -12.37 -26.06
CA ALA A 94 -42.40 -13.38 -25.65
C ALA A 94 -41.69 -14.64 -25.15
N ASP A 95 -40.45 -14.81 -25.56
CA ASP A 95 -39.65 -15.96 -25.16
C ASP A 95 -38.90 -15.69 -23.86
N TYR A 96 -39.14 -14.53 -23.25
CA TYR A 96 -38.45 -14.17 -22.03
C TYR A 96 -39.27 -14.49 -20.78
N ASP A 97 -38.80 -15.45 -20.01
CA ASP A 97 -39.41 -15.80 -18.73
C ASP A 97 -38.47 -15.39 -17.61
N PRO A 98 -38.91 -14.46 -16.76
CA PRO A 98 -38.09 -13.95 -15.64
C PRO A 98 -37.67 -15.04 -14.68
N ARG A 99 -38.53 -16.04 -14.50
CA ARG A 99 -38.34 -17.07 -13.48
C ARG A 99 -37.38 -18.17 -13.90
N LYS A 100 -36.85 -18.07 -15.11
CA LYS A 100 -35.87 -19.03 -15.60
C LYS A 100 -34.54 -18.34 -15.85
N ARG A 101 -34.40 -17.15 -15.27
CA ARG A 101 -33.16 -16.39 -15.31
C ARG A 101 -32.36 -16.65 -14.03
N PRO A 102 -31.02 -16.59 -14.11
CA PRO A 102 -30.16 -16.93 -12.98
C PRO A 102 -30.45 -16.13 -11.70
N TRP A 103 -30.62 -14.83 -11.83
CA TRP A 103 -30.86 -13.97 -10.67
C TRP A 103 -32.14 -14.32 -9.94
N TYR A 104 -33.15 -14.76 -10.69
CA TYR A 104 -34.44 -15.11 -10.12
C TYR A 104 -34.34 -16.37 -9.26
N VAL A 105 -33.80 -17.43 -9.85
CA VAL A 105 -33.70 -18.73 -9.19
C VAL A 105 -32.84 -18.64 -7.94
N ASP A 106 -31.72 -17.92 -8.04
CA ASP A 106 -30.81 -17.76 -6.92
C ASP A 106 -31.48 -16.98 -5.78
N ALA A 107 -32.19 -15.92 -6.13
CA ALA A 107 -32.88 -15.11 -5.13
C ALA A 107 -34.06 -15.86 -4.53
N LYS A 108 -34.71 -16.69 -5.33
CA LYS A 108 -35.83 -17.49 -4.85
C LYS A 108 -35.34 -18.65 -3.98
N ARG A 109 -34.22 -19.24 -4.35
CA ARG A 109 -33.62 -20.32 -3.58
C ARG A 109 -33.22 -19.83 -2.20
N GLU A 110 -32.57 -18.67 -2.16
CA GLU A 110 -32.11 -18.11 -0.91
C GLU A 110 -33.19 -17.32 -0.20
N ARG A 111 -32.92 -16.99 1.05
CA ARG A 111 -33.82 -16.18 1.88
C ARG A 111 -33.64 -14.70 1.53
N LYS A 112 -32.55 -14.40 0.83
CA LYS A 112 -32.01 -13.05 0.83
C LYS A 112 -31.45 -12.57 -0.51
N LEU A 113 -30.77 -11.43 -0.46
CA LEU A 113 -30.10 -10.86 -1.62
C LEU A 113 -28.98 -11.78 -2.09
N VAL A 114 -28.80 -11.87 -3.40
CA VAL A 114 -27.81 -12.76 -3.98
C VAL A 114 -27.09 -12.08 -5.14
N VAL A 115 -25.87 -12.52 -5.44
CA VAL A 115 -25.12 -12.01 -6.58
C VAL A 115 -24.73 -13.15 -7.49
N THR A 116 -25.16 -13.07 -8.75
CA THR A 116 -24.94 -14.15 -9.71
C THR A 116 -23.51 -14.23 -10.22
N GLU A 117 -23.19 -15.34 -10.87
CA GLU A 117 -21.96 -15.46 -11.63
C GLU A 117 -22.07 -14.55 -12.84
N PRO A 118 -20.94 -14.09 -13.38
CA PRO A 118 -20.97 -13.29 -14.61
C PRO A 118 -21.62 -14.05 -15.77
N TYR A 119 -22.60 -13.42 -16.42
CA TYR A 119 -23.28 -14.04 -17.54
C TYR A 119 -23.54 -13.03 -18.65
N VAL A 120 -23.75 -13.53 -19.86
CA VAL A 120 -24.01 -12.67 -21.01
C VAL A 120 -25.41 -12.07 -20.94
N ASP A 121 -25.48 -10.75 -20.98
CA ASP A 121 -26.76 -10.04 -21.02
C ASP A 121 -27.52 -10.47 -22.27
N ILE A 122 -28.81 -10.74 -22.11
CA ILE A 122 -29.62 -11.18 -23.25
C ILE A 122 -29.86 -10.00 -24.20
N SER A 123 -29.95 -8.80 -23.64
CA SER A 123 -30.19 -7.60 -24.43
C SER A 123 -28.89 -7.01 -25.00
N THR A 124 -28.05 -6.46 -24.12
CA THR A 124 -26.84 -5.76 -24.56
C THR A 124 -25.73 -6.69 -25.01
N LYS A 125 -25.91 -8.00 -24.76
CA LYS A 125 -24.94 -9.03 -25.11
C LYS A 125 -23.60 -8.85 -24.38
N LYS A 126 -23.55 -7.91 -23.45
CA LYS A 126 -22.34 -7.69 -22.65
C LYS A 126 -22.23 -8.70 -21.52
N ILE A 127 -21.03 -8.79 -20.95
CA ILE A 127 -20.82 -9.63 -19.77
C ILE A 127 -21.14 -8.83 -18.51
N ILE A 128 -22.12 -9.32 -17.76
CA ILE A 128 -22.60 -8.61 -16.58
C ILE A 128 -22.77 -9.52 -15.37
N ILE A 129 -22.96 -8.91 -14.21
CA ILE A 129 -23.42 -9.63 -13.02
C ILE A 129 -24.72 -8.99 -12.55
N SER A 130 -25.57 -9.78 -11.92
CA SER A 130 -26.86 -9.29 -11.47
C SER A 130 -27.05 -9.46 -9.97
N ILE A 131 -27.44 -8.38 -9.31
CA ILE A 131 -27.87 -8.45 -7.92
C ILE A 131 -29.33 -8.91 -7.91
N GLY A 132 -29.58 -10.05 -7.29
CA GLY A 132 -30.91 -10.62 -7.27
C GLY A 132 -31.53 -10.64 -5.88
N THR A 133 -32.73 -10.10 -5.77
CA THR A 133 -33.44 -10.05 -4.49
C THR A 133 -34.82 -10.67 -4.59
N PRO A 134 -35.27 -11.31 -3.50
CA PRO A 134 -36.65 -11.81 -3.41
C PRO A 134 -37.63 -10.72 -2.98
N VAL A 135 -38.84 -10.76 -3.52
CA VAL A 135 -39.87 -9.79 -3.15
C VAL A 135 -41.02 -10.48 -2.44
N TYR A 136 -41.36 -9.99 -1.25
CA TYR A 136 -42.36 -10.66 -0.42
C TYR A 136 -43.57 -9.80 -0.08
N GLN A 137 -44.71 -10.48 0.11
CA GLN A 137 -45.93 -9.86 0.61
C GLN A 137 -46.63 -10.82 1.56
N GLN A 138 -46.77 -10.42 2.83
CA GLN A 138 -47.41 -11.24 3.86
C GLN A 138 -46.54 -12.46 4.15
N SER A 139 -45.32 -12.40 3.62
CA SER A 139 -44.33 -13.49 3.56
C SER A 139 -44.65 -14.49 2.45
N ASN A 140 -45.35 -14.02 1.41
CA ASN A 140 -45.48 -14.77 0.17
C ASN A 140 -44.43 -14.32 -0.83
N PHE A 141 -43.75 -15.25 -1.47
CA PHE A 141 -42.86 -14.91 -2.57
C PHE A 141 -43.71 -14.52 -3.78
N VAL A 142 -43.73 -13.22 -4.09
CA VAL A 142 -44.56 -12.73 -5.19
C VAL A 142 -43.73 -12.45 -6.43
N GLY A 143 -42.42 -12.60 -6.32
CA GLY A 143 -41.53 -12.37 -7.44
C GLY A 143 -40.12 -12.01 -7.01
N ALA A 144 -39.27 -11.71 -7.99
CA ALA A 144 -37.87 -11.36 -7.71
C ALA A 144 -37.40 -10.21 -8.59
N MET A 145 -36.36 -9.52 -8.14
CA MET A 145 -35.82 -8.39 -8.89
C MET A 145 -34.38 -8.61 -9.35
N PHE A 146 -33.98 -7.86 -10.36
CA PHE A 146 -32.59 -7.89 -10.80
C PHE A 146 -31.99 -6.49 -10.88
N TYR A 147 -30.71 -6.40 -10.52
CA TYR A 147 -29.95 -5.16 -10.63
C TYR A 147 -28.68 -5.43 -11.41
N ASP A 148 -28.69 -5.12 -12.70
CA ASP A 148 -27.56 -5.42 -13.57
C ASP A 148 -26.38 -4.48 -13.31
N VAL A 149 -25.20 -5.07 -13.20
CA VAL A 149 -23.97 -4.31 -12.99
C VAL A 149 -22.99 -4.58 -14.13
N GLU A 150 -22.57 -3.53 -14.82
CA GLU A 150 -21.59 -3.67 -15.89
C GLU A 150 -20.21 -3.89 -15.29
N LEU A 151 -19.40 -4.70 -15.96
CA LEU A 151 -18.05 -5.01 -15.50
C LEU A 151 -17.02 -4.22 -16.29
N THR A 152 -17.31 -2.95 -16.53
CA THR A 152 -16.44 -2.07 -17.28
C THR A 152 -15.20 -1.71 -16.45
N GLN A 153 -15.37 -1.66 -15.13
CA GLN A 153 -14.26 -1.34 -14.24
C GLN A 153 -13.19 -2.42 -14.24
N LEU A 154 -13.55 -3.62 -14.69
CA LEU A 154 -12.57 -4.70 -14.86
C LEU A 154 -11.68 -4.41 -16.05
N ALA A 155 -12.28 -3.96 -17.14
CA ALA A 155 -11.55 -3.66 -18.37
C ALA A 155 -10.49 -2.59 -18.13
N GLN A 156 -10.86 -1.55 -17.38
CA GLN A 156 -9.93 -0.47 -17.07
C GLN A 156 -8.74 -0.96 -16.25
N LEU A 157 -9.02 -1.81 -15.27
CA LEU A 157 -7.95 -2.41 -14.45
C LEU A 157 -7.00 -3.22 -15.31
N VAL A 158 -7.56 -4.14 -16.08
CA VAL A 158 -6.80 -5.02 -16.94
C VAL A 158 -6.00 -4.26 -17.99
N ASN A 159 -6.61 -3.21 -18.56
CA ASN A 159 -5.95 -2.42 -19.59
C ASN A 159 -4.88 -1.48 -19.05
N SER A 160 -4.97 -1.14 -17.76
CA SER A 160 -4.05 -0.18 -17.16
C SER A 160 -2.70 -0.80 -16.82
N VAL A 161 -2.58 -2.11 -17.00
CA VAL A 161 -1.35 -2.82 -16.66
C VAL A 161 -0.32 -2.76 -17.77
N ASN A 162 0.85 -2.23 -17.46
CA ASN A 162 1.95 -2.21 -18.42
C ASN A 162 3.12 -3.05 -17.93
N LEU A 163 3.26 -4.24 -18.51
CA LEU A 163 4.35 -5.14 -18.14
C LEU A 163 5.48 -5.09 -19.16
N PHE A 164 5.56 -3.98 -19.88
CA PHE A 164 6.63 -3.73 -20.86
C PHE A 164 6.71 -4.82 -21.93
N ASP A 165 5.57 -5.11 -22.55
CA ASP A 165 5.43 -6.13 -23.60
C ASP A 165 5.76 -7.55 -23.15
N ALA A 166 6.07 -7.74 -21.88
CA ALA A 166 6.41 -9.05 -21.38
C ALA A 166 5.15 -9.89 -21.19
N GLY A 167 4.07 -9.24 -20.79
CA GLY A 167 2.81 -9.93 -20.58
C GLY A 167 1.69 -9.02 -20.13
N TYR A 168 0.69 -9.61 -19.48
CA TYR A 168 -0.51 -8.88 -19.08
C TYR A 168 -1.28 -9.62 -17.99
N LEU A 169 -2.34 -8.99 -17.50
CA LEU A 169 -3.21 -9.60 -16.52
C LEU A 169 -4.60 -9.86 -17.11
N PHE A 170 -5.26 -10.91 -16.66
CA PHE A 170 -6.59 -11.24 -17.15
C PHE A 170 -7.46 -11.85 -16.05
N ILE A 171 -8.78 -11.77 -16.24
CA ILE A 171 -9.73 -12.26 -15.24
C ILE A 171 -10.68 -13.28 -15.84
N THR A 172 -10.89 -14.38 -15.13
CA THR A 172 -11.86 -15.39 -15.54
C THR A 172 -12.83 -15.71 -14.42
N THR A 173 -13.94 -16.34 -14.76
CA THR A 173 -14.87 -16.84 -13.75
C THR A 173 -14.30 -18.11 -13.13
N LYS A 174 -15.04 -18.72 -12.22
CA LYS A 174 -14.60 -19.96 -11.58
C LYS A 174 -14.61 -21.12 -12.57
N ASP A 175 -15.19 -20.89 -13.74
CA ASP A 175 -15.28 -21.91 -14.79
C ASP A 175 -14.26 -21.67 -15.91
N GLY A 176 -13.46 -20.62 -15.75
CA GLY A 176 -12.41 -20.34 -16.71
C GLY A 176 -12.83 -19.43 -17.85
N VAL A 177 -14.09 -18.99 -17.82
CA VAL A 177 -14.60 -18.09 -18.85
C VAL A 177 -14.05 -16.68 -18.66
N THR A 178 -13.27 -16.22 -19.64
CA THR A 178 -12.62 -14.92 -19.57
C THR A 178 -13.62 -13.77 -19.59
N ILE A 179 -13.53 -12.88 -18.61
CA ILE A 179 -14.43 -11.74 -18.50
C ILE A 179 -13.68 -10.42 -18.54
N ALA A 180 -12.35 -10.50 -18.66
CA ALA A 180 -11.51 -9.32 -18.74
C ALA A 180 -10.15 -9.67 -19.35
N HIS A 181 -9.81 -8.99 -20.44
CA HIS A 181 -8.60 -9.27 -21.20
C HIS A 181 -8.16 -8.01 -21.94
N PRO A 182 -6.85 -7.78 -22.06
CA PRO A 182 -6.37 -6.65 -22.86
C PRO A 182 -6.88 -6.74 -24.30
N ASN A 183 -7.01 -7.97 -24.79
CA ASN A 183 -7.68 -8.24 -26.04
C ASN A 183 -9.12 -8.65 -25.78
N ALA A 184 -10.04 -7.67 -25.87
CA ALA A 184 -11.44 -7.86 -25.48
C ALA A 184 -12.14 -8.96 -26.28
N GLU A 185 -11.56 -9.34 -27.41
CA GLU A 185 -12.14 -10.38 -28.26
C GLU A 185 -12.08 -11.75 -27.58
N ASN A 186 -11.29 -11.85 -26.52
CA ASN A 186 -11.16 -13.10 -25.76
C ASN A 186 -12.19 -13.20 -24.64
N ASN A 187 -12.92 -12.12 -24.40
CA ASN A 187 -13.95 -12.12 -23.36
C ASN A 187 -15.16 -12.96 -23.75
N GLY A 188 -15.52 -13.90 -22.90
CA GLY A 188 -16.65 -14.78 -23.16
C GLY A 188 -16.21 -16.20 -23.45
N GLU A 189 -14.97 -16.34 -23.95
CA GLU A 189 -14.42 -17.65 -24.24
C GLU A 189 -13.57 -18.14 -23.05
N LYS A 190 -13.42 -19.45 -22.93
CA LYS A 190 -12.59 -20.02 -21.90
C LYS A 190 -11.13 -19.62 -22.12
N PHE A 191 -10.40 -19.41 -21.03
CA PHE A 191 -9.04 -18.88 -21.11
C PHE A 191 -8.09 -19.85 -21.81
N SER A 192 -8.48 -21.11 -21.90
CA SER A 192 -7.65 -22.13 -22.54
C SER A 192 -7.62 -21.98 -24.05
N GLN A 193 -8.46 -21.10 -24.59
CA GLN A 193 -8.48 -20.84 -26.02
C GLN A 193 -7.22 -20.10 -26.46
N PHE A 194 -6.70 -19.25 -25.58
CA PHE A 194 -5.49 -18.49 -25.89
C PHE A 194 -4.34 -18.90 -24.96
N LEU A 195 -4.65 -19.72 -23.96
CA LEU A 195 -3.65 -20.14 -22.99
C LEU A 195 -3.86 -21.60 -22.58
N PRO A 196 -3.57 -22.54 -23.50
CA PRO A 196 -3.82 -23.96 -23.24
C PRO A 196 -2.86 -24.57 -22.25
N ASN A 197 -3.20 -25.76 -21.75
CA ASN A 197 -2.37 -26.52 -20.81
C ASN A 197 -2.12 -25.81 -19.49
N VAL A 198 -3.05 -24.94 -19.10
CA VAL A 198 -2.96 -24.27 -17.81
C VAL A 198 -4.19 -24.59 -16.98
N ASP A 199 -3.98 -25.12 -15.77
CA ASP A 199 -5.07 -25.42 -14.87
C ASP A 199 -5.56 -24.15 -14.19
N LEU A 200 -6.87 -24.07 -13.99
CA LEU A 200 -7.45 -22.95 -13.23
C LEU A 200 -7.22 -23.20 -11.74
N LYS A 201 -5.97 -23.04 -11.31
CA LYS A 201 -5.60 -23.27 -9.92
C LYS A 201 -4.70 -22.15 -9.42
N GLU A 202 -4.78 -21.86 -8.13
CA GLU A 202 -3.88 -20.90 -7.52
C GLU A 202 -2.47 -21.49 -7.46
N GLY A 203 -1.48 -20.71 -7.88
CA GLY A 203 -0.12 -21.17 -7.88
C GLY A 203 0.61 -20.84 -9.18
N THR A 204 1.88 -21.25 -9.24
CA THR A 204 2.74 -20.92 -10.37
C THR A 204 2.78 -22.05 -11.39
N GLN A 205 2.63 -21.69 -12.67
CA GLN A 205 2.70 -22.67 -13.76
C GLN A 205 3.59 -22.18 -14.90
N ARG A 206 4.46 -23.05 -15.39
CA ARG A 206 5.29 -22.75 -16.54
C ARG A 206 4.93 -23.65 -17.70
N ILE A 207 4.53 -23.05 -18.83
CA ILE A 207 4.10 -23.81 -19.98
C ILE A 207 4.91 -23.49 -21.23
N GLU A 208 4.74 -24.28 -22.27
CA GLU A 208 5.33 -24.01 -23.56
C GLU A 208 4.24 -23.86 -24.63
N LEU A 209 4.28 -22.75 -25.36
CA LEU A 209 3.27 -22.49 -26.38
C LEU A 209 3.89 -21.95 -27.66
N ASP A 210 3.86 -22.78 -28.71
CA ASP A 210 4.38 -22.41 -30.03
C ASP A 210 5.84 -21.93 -29.96
N GLY A 211 6.67 -22.72 -29.28
CA GLY A 211 8.09 -22.41 -29.18
C GLY A 211 8.40 -21.31 -28.19
N LYS A 212 7.39 -20.83 -27.49
CA LYS A 212 7.55 -19.79 -26.49
C LYS A 212 7.35 -20.34 -25.09
N TYR A 213 8.09 -19.79 -24.13
CA TYR A 213 7.96 -20.20 -22.73
C TYR A 213 7.27 -19.13 -21.91
N TYR A 214 6.22 -19.53 -21.18
CA TYR A 214 5.43 -18.58 -20.41
C TYR A 214 5.37 -18.91 -18.92
N LEU A 215 5.11 -17.88 -18.12
CA LEU A 215 4.94 -18.03 -16.68
C LEU A 215 3.53 -17.62 -16.29
N VAL A 216 2.75 -18.57 -15.78
CA VAL A 216 1.35 -18.29 -15.43
C VAL A 216 1.12 -18.39 -13.93
N LYS A 217 0.49 -17.35 -13.38
CA LYS A 217 0.22 -17.30 -11.94
C LYS A 217 -1.22 -16.85 -11.70
N PHE A 218 -1.97 -17.64 -10.95
CA PHE A 218 -3.38 -17.34 -10.67
C PHE A 218 -3.62 -16.95 -9.21
N ALA A 219 -4.61 -16.11 -9.00
CA ALA A 219 -5.07 -15.76 -7.66
C ALA A 219 -6.59 -15.66 -7.65
N GLN A 220 -7.20 -16.12 -6.57
CA GLN A 220 -8.66 -16.16 -6.48
C GLN A 220 -9.20 -14.98 -5.71
N VAL A 221 -10.29 -14.40 -6.20
CA VAL A 221 -11.00 -13.35 -5.47
C VAL A 221 -12.18 -13.98 -4.75
N PRO A 222 -12.03 -14.25 -3.44
CA PRO A 222 -12.91 -15.08 -2.62
C PRO A 222 -14.35 -14.58 -2.47
N SER A 223 -14.58 -13.27 -2.47
CA SER A 223 -15.93 -12.74 -2.29
C SER A 223 -16.79 -13.10 -3.51
N GLU A 224 -16.22 -12.93 -4.69
CA GLU A 224 -16.77 -13.55 -5.89
C GLU A 224 -16.15 -14.94 -5.97
N SER A 225 -15.97 -15.46 -7.18
CA SER A 225 -15.18 -16.66 -7.35
C SER A 225 -14.25 -16.45 -8.53
N TRP A 226 -13.99 -15.17 -8.81
CA TRP A 226 -13.17 -14.78 -9.95
C TRP A 226 -11.71 -15.17 -9.75
N TYR A 227 -11.05 -15.53 -10.85
CA TYR A 227 -9.62 -15.80 -10.84
C TYR A 227 -8.87 -14.69 -11.57
N ILE A 228 -7.84 -14.16 -10.93
CA ILE A 228 -6.97 -13.18 -11.56
C ILE A 228 -5.75 -13.88 -12.14
N GLY A 229 -5.56 -13.73 -13.45
CA GLY A 229 -4.47 -14.41 -14.12
C GLY A 229 -3.32 -13.49 -14.48
N ALA A 230 -2.10 -13.96 -14.25
CA ALA A 230 -0.90 -13.20 -14.60
C ALA A 230 -0.01 -14.02 -15.52
N VAL A 231 0.23 -13.51 -16.73
CA VAL A 231 1.05 -14.21 -17.70
C VAL A 231 2.15 -13.33 -18.28
N VAL A 232 3.34 -13.90 -18.43
CA VAL A 232 4.46 -13.20 -19.06
C VAL A 232 5.25 -14.13 -19.97
N ASP A 233 5.78 -13.58 -21.05
CA ASP A 233 6.77 -14.30 -21.84
C ASP A 233 8.07 -14.26 -21.06
N GLU A 234 8.53 -15.44 -20.62
CA GLU A 234 9.69 -15.54 -19.75
C GLU A 234 10.95 -15.01 -20.40
N SER A 235 11.04 -15.16 -21.73
CA SER A 235 12.19 -14.67 -22.48
C SER A 235 12.19 -13.14 -22.55
N ILE A 236 11.02 -12.58 -22.82
CA ILE A 236 10.88 -11.12 -22.87
C ILE A 236 11.06 -10.52 -21.48
N ALA A 237 10.56 -11.23 -20.47
CA ALA A 237 10.71 -10.80 -19.08
C ALA A 237 12.17 -10.80 -18.67
N PHE A 238 12.90 -11.83 -19.10
CA PHE A 238 14.33 -11.92 -18.86
C PHE A 238 15.05 -10.74 -19.52
N ALA A 239 14.61 -10.40 -20.73
CA ALA A 239 15.20 -9.30 -21.48
C ALA A 239 15.05 -7.97 -20.75
N MET A 240 13.82 -7.65 -20.36
CA MET A 240 13.54 -6.41 -19.65
C MET A 240 14.27 -6.38 -18.29
N VAL A 241 14.00 -7.38 -17.47
CA VAL A 241 14.69 -7.52 -16.19
C VAL A 241 15.31 -8.91 -16.07
N LEU B 3 -20.92 -21.64 -0.09
CA LEU B 3 -20.50 -21.76 1.29
C LEU B 3 -20.95 -20.55 2.10
N GLY B 4 -21.57 -19.59 1.42
CA GLY B 4 -22.05 -18.38 2.07
C GLY B 4 -21.09 -17.23 1.87
N SER B 5 -21.59 -16.01 2.05
CA SER B 5 -20.78 -14.82 1.88
C SER B 5 -19.83 -14.62 3.07
N VAL B 6 -20.29 -15.01 4.24
CA VAL B 6 -19.50 -14.86 5.47
C VAL B 6 -18.21 -15.68 5.41
N ARG B 7 -18.32 -16.94 5.01
CA ARG B 7 -17.15 -17.81 4.92
C ARG B 7 -16.20 -17.35 3.82
N GLU B 8 -16.76 -16.87 2.72
CA GLU B 8 -15.96 -16.34 1.62
C GLU B 8 -15.35 -15.01 2.02
N GLU B 9 -15.98 -14.32 2.97
CA GLU B 9 -15.44 -13.09 3.52
C GLU B 9 -14.24 -13.42 4.41
N ILE B 10 -14.35 -14.52 5.15
CA ILE B 10 -13.24 -15.03 5.95
C ILE B 10 -12.07 -15.37 5.03
N GLU B 11 -12.37 -16.07 3.95
CA GLU B 11 -11.37 -16.46 2.96
C GLU B 11 -10.69 -15.23 2.35
N SER B 12 -11.44 -14.15 2.19
CA SER B 12 -10.91 -12.92 1.63
C SER B 12 -10.00 -12.20 2.61
N LEU B 13 -10.39 -12.17 3.87
CA LEU B 13 -9.63 -11.48 4.91
C LEU B 13 -8.33 -12.22 5.23
N VAL B 14 -8.37 -13.54 5.18
CA VAL B 14 -7.18 -14.36 5.38
C VAL B 14 -6.19 -14.11 4.24
N GLN B 15 -6.73 -13.95 3.03
CA GLN B 15 -5.90 -13.66 1.86
C GLN B 15 -5.21 -12.30 1.98
N ASP B 16 -5.94 -11.31 2.48
CA ASP B 16 -5.40 -9.96 2.66
C ASP B 16 -4.22 -9.98 3.63
N SER B 17 -4.38 -10.70 4.73
CA SER B 17 -3.34 -10.80 5.74
C SER B 17 -2.14 -11.58 5.22
N LEU B 18 -2.41 -12.56 4.36
CA LEU B 18 -1.36 -13.38 3.77
C LEU B 18 -0.54 -12.57 2.78
N MET B 19 -1.22 -11.80 1.94
CA MET B 19 -0.55 -10.97 0.94
C MET B 19 0.29 -9.88 1.61
N GLU B 20 -0.20 -9.38 2.74
CA GLU B 20 0.52 -8.35 3.49
C GLU B 20 1.78 -8.93 4.11
N MET B 21 1.69 -10.17 4.59
CA MET B 21 2.84 -10.86 5.18
C MET B 21 3.90 -11.16 4.12
N VAL B 22 3.46 -11.47 2.91
CA VAL B 22 4.38 -11.73 1.81
C VAL B 22 5.11 -10.45 1.42
N LYS B 23 4.36 -9.35 1.31
CA LYS B 23 4.95 -8.05 1.02
C LYS B 23 5.90 -7.63 2.14
N GLY B 24 5.55 -7.98 3.37
CA GLY B 24 6.37 -7.64 4.52
C GLY B 24 7.71 -8.35 4.51
N VAL B 25 7.70 -9.62 4.11
CA VAL B 25 8.91 -10.41 4.01
C VAL B 25 9.84 -9.84 2.93
N LYS B 26 9.26 -9.51 1.78
CA LYS B 26 10.02 -8.96 0.66
C LYS B 26 10.59 -7.58 0.98
N ASN B 27 9.96 -6.87 1.90
CA ASN B 27 10.38 -5.50 2.23
C ASN B 27 11.32 -5.42 3.42
N THR B 28 11.48 -6.52 4.13
CA THR B 28 12.34 -6.53 5.31
C THR B 28 13.53 -7.47 5.13
N ILE B 29 13.27 -8.78 5.04
CA ILE B 29 14.34 -9.76 4.90
C ILE B 29 15.00 -9.69 3.53
N GLU B 30 14.19 -9.66 2.48
CA GLU B 30 14.70 -9.64 1.11
C GLU B 30 15.57 -8.42 0.83
N SER B 31 15.07 -7.24 1.18
CA SER B 31 15.81 -5.99 0.94
C SER B 31 17.06 -5.93 1.79
N ASP B 32 17.02 -6.54 2.97
CA ASP B 32 18.18 -6.59 3.85
C ASP B 32 19.23 -7.53 3.29
N LEU B 33 18.78 -8.63 2.70
CA LEU B 33 19.69 -9.60 2.06
C LEU B 33 20.39 -8.97 0.86
N ALA B 34 19.65 -8.20 0.07
CA ALA B 34 20.19 -7.53 -1.09
C ALA B 34 21.32 -6.58 -0.69
N SER B 35 21.13 -5.90 0.44
CA SER B 35 22.14 -5.00 0.97
C SER B 35 23.35 -5.78 1.47
N LYS B 36 23.09 -6.92 2.12
CA LYS B 36 24.16 -7.75 2.67
C LYS B 36 24.90 -8.51 1.57
N LYS B 37 24.21 -8.82 0.48
CA LYS B 37 24.83 -9.50 -0.65
C LYS B 37 25.85 -8.59 -1.33
N GLY B 38 25.49 -7.32 -1.48
CA GLY B 38 26.40 -6.35 -2.06
C GLY B 38 27.62 -6.15 -1.19
N LEU B 39 27.41 -6.21 0.12
CA LEU B 39 28.50 -6.08 1.08
C LEU B 39 29.41 -7.30 1.06
N ALA B 40 28.80 -8.48 0.92
CA ALA B 40 29.56 -9.72 0.87
C ALA B 40 30.33 -9.85 -0.44
N GLN B 41 29.78 -9.31 -1.51
CA GLN B 41 30.41 -9.38 -2.82
C GLN B 41 31.67 -8.50 -2.86
N SER B 42 31.56 -7.28 -2.35
CA SER B 42 32.69 -6.37 -2.30
C SER B 42 33.78 -6.90 -1.38
N THR B 43 33.38 -7.44 -0.23
CA THR B 43 34.31 -7.99 0.74
C THR B 43 35.11 -9.14 0.15
N THR B 44 34.46 -9.95 -0.68
CA THR B 44 35.12 -11.06 -1.35
C THR B 44 36.15 -10.56 -2.35
N GLU B 45 35.79 -9.50 -3.08
CA GLU B 45 36.67 -8.94 -4.09
C GLU B 45 37.87 -8.23 -3.47
N ILE B 46 37.67 -7.61 -2.32
CA ILE B 46 38.75 -6.94 -1.60
C ILE B 46 39.74 -7.97 -1.05
N LEU B 47 39.22 -9.11 -0.58
CA LEU B 47 40.07 -10.18 -0.07
C LEU B 47 40.84 -10.87 -1.20
N GLN B 48 40.32 -10.80 -2.42
CA GLN B 48 40.97 -11.42 -3.57
C GLN B 48 42.20 -10.64 -4.04
N LEU B 49 42.45 -9.50 -3.40
CA LEU B 49 43.67 -8.75 -3.65
C LEU B 49 44.86 -9.54 -3.13
N ASP B 50 44.65 -10.24 -2.01
CA ASP B 50 45.66 -11.12 -1.43
C ASP B 50 44.96 -12.27 -0.69
N PRO B 51 44.42 -13.24 -1.46
CA PRO B 51 43.52 -14.28 -0.96
C PRO B 51 44.10 -15.20 0.12
N THR B 52 45.37 -15.56 0.00
CA THR B 52 45.96 -16.54 0.91
C THR B 52 46.61 -15.91 2.14
N ASN B 53 46.56 -14.59 2.23
CA ASN B 53 47.11 -13.90 3.39
C ASN B 53 46.09 -13.87 4.53
N LYS B 54 46.31 -14.71 5.53
CA LYS B 54 45.35 -14.89 6.63
C LYS B 54 45.24 -13.65 7.52
N ALA B 55 46.36 -12.94 7.69
CA ALA B 55 46.38 -11.75 8.53
C ALA B 55 45.47 -10.66 7.97
N PHE B 56 45.60 -10.42 6.66
CA PHE B 56 44.78 -9.43 5.98
C PHE B 56 43.30 -9.81 6.00
N ALA B 57 43.04 -11.12 5.90
CA ALA B 57 41.67 -11.62 5.95
C ALA B 57 41.03 -11.33 7.30
N LYS B 58 41.75 -11.63 8.37
CA LYS B 58 41.25 -11.39 9.72
C LYS B 58 40.98 -9.91 9.95
N SER B 59 41.93 -9.07 9.54
CA SER B 59 41.83 -7.62 9.72
C SER B 59 40.57 -7.07 9.07
N VAL B 60 40.23 -7.58 7.89
CA VAL B 60 39.03 -7.15 7.18
C VAL B 60 37.77 -7.63 7.88
N LEU B 61 37.75 -8.91 8.24
CA LEU B 61 36.57 -9.50 8.88
C LEU B 61 36.32 -8.95 10.28
N GLU B 62 37.35 -8.35 10.88
CA GLU B 62 37.21 -7.79 12.22
C GLU B 62 36.85 -6.31 12.21
N SER B 63 36.72 -5.74 11.01
CA SER B 63 36.30 -4.34 10.88
C SER B 63 34.89 -4.17 11.44
N PRO B 64 34.68 -3.12 12.24
CA PRO B 64 33.47 -2.88 13.03
C PRO B 64 32.15 -3.00 12.24
N ASN B 65 32.03 -2.30 11.12
CA ASN B 65 30.78 -2.35 10.36
C ASN B 65 30.50 -3.72 9.78
N LEU B 66 31.54 -4.34 9.22
CA LEU B 66 31.41 -5.68 8.63
C LEU B 66 31.09 -6.71 9.70
N LYS B 67 31.84 -6.66 10.81
CA LYS B 67 31.65 -7.57 11.92
C LYS B 67 30.26 -7.44 12.54
N GLY B 68 29.69 -6.24 12.47
CA GLY B 68 28.39 -5.96 13.06
C GLY B 68 27.24 -6.08 12.08
N SER B 69 27.55 -6.48 10.84
CA SER B 69 26.52 -6.63 9.82
C SER B 69 26.09 -8.08 9.65
N PHE B 70 26.82 -8.98 10.30
CA PHE B 70 26.52 -10.41 10.20
C PHE B 70 26.69 -11.10 11.55
N LEU B 71 26.13 -12.31 11.66
CA LEU B 71 26.31 -13.12 12.86
C LEU B 71 27.77 -13.52 12.99
N ALA B 72 28.35 -13.95 11.88
CA ALA B 72 29.76 -14.33 11.82
C ALA B 72 30.20 -14.43 10.37
N ILE B 73 31.49 -14.18 10.13
CA ILE B 73 32.06 -14.29 8.79
C ILE B 73 33.33 -15.12 8.83
N GLY B 74 33.48 -16.04 7.89
CA GLY B 74 34.67 -16.87 7.83
C GLY B 74 35.04 -17.34 6.44
N LEU B 75 36.30 -17.71 6.27
CA LEU B 75 36.80 -18.20 5.00
C LEU B 75 37.46 -19.56 5.15
N GLY B 76 36.85 -20.57 4.55
CA GLY B 76 37.42 -21.91 4.54
C GLY B 76 38.31 -22.10 3.34
N TYR B 77 39.50 -22.66 3.57
CA TYR B 77 40.48 -22.84 2.51
C TYR B 77 40.41 -24.24 1.91
N GLU B 78 40.65 -24.31 0.60
CA GLU B 78 40.63 -25.58 -0.13
C GLU B 78 41.87 -26.41 0.16
N SER B 79 43.01 -25.74 0.29
CA SER B 79 44.30 -26.40 0.43
C SER B 79 44.44 -27.23 1.71
N ASP B 80 44.28 -26.58 2.86
CA ASP B 80 44.53 -27.25 4.14
C ASP B 80 43.29 -27.29 5.05
N ALA B 81 42.14 -26.94 4.48
CA ALA B 81 40.85 -27.00 5.18
C ALA B 81 40.83 -26.17 6.48
N THR B 82 41.65 -25.13 6.53
CA THR B 82 41.68 -24.25 7.70
C THR B 82 40.65 -23.13 7.54
N VAL B 83 40.25 -22.52 8.66
CA VAL B 83 39.22 -21.49 8.65
C VAL B 83 39.63 -20.22 9.40
N VAL B 84 39.61 -19.09 8.70
CA VAL B 84 39.75 -17.79 9.33
C VAL B 84 38.36 -17.18 9.53
N GLU B 85 37.96 -16.95 10.78
CA GLU B 85 36.63 -16.40 11.04
C GLU B 85 36.66 -15.37 12.16
N ASN B 86 35.57 -14.61 12.29
CA ASN B 86 35.54 -13.45 13.18
C ASN B 86 34.63 -13.60 14.40
N ASP B 87 34.24 -14.82 14.74
CA ASP B 87 33.39 -15.06 15.90
C ASP B 87 34.24 -15.21 17.16
N ASP B 88 34.22 -14.21 18.02
CA ASP B 88 35.03 -14.21 19.24
C ASP B 88 34.67 -15.34 20.18
N GLY B 89 33.47 -15.87 20.05
CA GLY B 89 33.02 -16.95 20.91
C GLY B 89 33.13 -18.32 20.27
N TRP B 90 33.72 -18.38 19.08
CA TRP B 90 33.81 -19.64 18.36
C TRP B 90 35.21 -19.95 17.83
N GLU B 91 35.51 -21.24 17.77
CA GLU B 91 36.68 -21.79 17.09
C GLU B 91 36.28 -23.17 16.58
N PRO B 92 36.42 -23.40 15.26
CA PRO B 92 36.03 -24.69 14.68
C PRO B 92 36.78 -25.86 15.32
N ASN B 93 36.04 -26.83 15.85
CA ASN B 93 36.66 -27.98 16.50
C ASN B 93 37.24 -28.96 15.48
N ALA B 94 37.70 -30.11 15.96
CA ALA B 94 38.41 -31.07 15.13
C ALA B 94 37.55 -31.64 14.01
N ASP B 95 36.26 -31.85 14.28
CA ASP B 95 35.37 -32.49 13.32
C ASP B 95 34.91 -31.54 12.21
N TYR B 96 35.18 -30.25 12.37
CA TYR B 96 34.68 -29.25 11.44
C TYR B 96 35.51 -29.19 10.15
N ASP B 97 34.84 -29.47 9.04
CA ASP B 97 35.44 -29.30 7.71
C ASP B 97 34.56 -28.32 6.93
N PRO B 98 35.12 -27.13 6.62
CA PRO B 98 34.36 -26.09 5.93
C PRO B 98 33.92 -26.50 4.54
N ARG B 99 34.67 -27.40 3.91
CA ARG B 99 34.42 -27.80 2.52
C ARG B 99 33.21 -28.72 2.38
N LYS B 100 32.66 -29.17 3.50
CA LYS B 100 31.50 -30.06 3.48
C LYS B 100 30.23 -29.36 3.97
N ARG B 101 30.36 -28.07 4.27
CA ARG B 101 29.22 -27.26 4.68
C ARG B 101 28.49 -26.76 3.43
N PRO B 102 27.17 -26.47 3.55
CA PRO B 102 26.37 -26.09 2.38
C PRO B 102 26.86 -24.83 1.67
N TRP B 103 27.29 -23.82 2.42
CA TRP B 103 27.72 -22.57 1.81
C TRP B 103 28.96 -22.74 0.93
N TYR B 104 29.86 -23.62 1.33
CA TYR B 104 31.08 -23.88 0.57
C TYR B 104 30.76 -24.66 -0.70
N VAL B 105 29.95 -25.70 -0.56
CA VAL B 105 29.59 -26.57 -1.67
C VAL B 105 28.80 -25.81 -2.73
N ASP B 106 27.87 -24.97 -2.28
CA ASP B 106 27.03 -24.20 -3.20
C ASP B 106 27.84 -23.12 -3.92
N ALA B 107 28.82 -22.55 -3.24
CA ALA B 107 29.66 -21.51 -3.84
C ALA B 107 30.61 -22.09 -4.87
N LYS B 108 31.12 -23.28 -4.58
CA LYS B 108 32.04 -23.99 -5.47
C LYS B 108 31.33 -24.46 -6.74
N ARG B 109 30.05 -24.75 -6.60
CA ARG B 109 29.25 -25.30 -7.69
C ARG B 109 28.81 -24.24 -8.70
N GLU B 110 28.60 -23.02 -8.21
CA GLU B 110 28.03 -21.97 -9.05
C GLU B 110 29.05 -20.93 -9.52
N ARG B 111 30.21 -20.91 -8.86
CA ARG B 111 31.30 -20.01 -9.23
C ARG B 111 30.94 -18.53 -8.94
N LYS B 112 29.74 -18.33 -8.39
CA LYS B 112 29.27 -16.99 -8.03
C LYS B 112 28.72 -16.95 -6.61
N LEU B 113 28.32 -15.75 -6.18
CA LEU B 113 27.71 -15.58 -4.86
C LEU B 113 26.40 -16.36 -4.77
N VAL B 114 26.21 -17.06 -3.65
CA VAL B 114 24.99 -17.85 -3.45
C VAL B 114 24.37 -17.59 -2.08
N VAL B 115 23.09 -17.88 -1.95
CA VAL B 115 22.41 -17.82 -0.66
C VAL B 115 21.79 -19.17 -0.36
N THR B 116 22.19 -19.76 0.76
CA THR B 116 21.76 -21.10 1.12
C THR B 116 20.32 -21.13 1.63
N GLU B 117 19.77 -22.33 1.75
CA GLU B 117 18.47 -22.51 2.39
C GLU B 117 18.69 -22.52 3.91
N PRO B 118 17.64 -22.21 4.69
CA PRO B 118 17.77 -22.20 6.15
C PRO B 118 18.28 -23.53 6.71
N TYR B 119 19.16 -23.44 7.70
CA TYR B 119 19.71 -24.62 8.35
C TYR B 119 20.19 -24.29 9.76
N VAL B 120 20.23 -25.29 10.63
CA VAL B 120 20.66 -25.10 12.00
C VAL B 120 22.16 -24.81 12.07
N ASP B 121 22.51 -23.67 12.66
CA ASP B 121 23.91 -23.30 12.84
C ASP B 121 24.61 -24.31 13.74
N ILE B 122 25.91 -24.48 13.55
CA ILE B 122 26.65 -25.51 14.26
C ILE B 122 26.91 -25.13 15.72
N SER B 123 27.22 -23.86 15.97
CA SER B 123 27.52 -23.41 17.33
C SER B 123 26.32 -22.78 18.03
N THR B 124 25.77 -21.73 17.43
CA THR B 124 24.64 -21.02 18.04
C THR B 124 23.37 -21.86 18.02
N LYS B 125 23.33 -22.83 17.10
CA LYS B 125 22.20 -23.75 16.95
C LYS B 125 20.89 -23.03 16.62
N LYS B 126 20.98 -21.78 16.18
CA LYS B 126 19.81 -21.06 15.70
C LYS B 126 19.63 -21.31 14.21
N ILE B 127 18.38 -21.32 13.76
CA ILE B 127 18.08 -21.47 12.34
C ILE B 127 18.50 -20.21 11.59
N ILE B 128 19.50 -20.34 10.72
CA ILE B 128 20.04 -19.20 9.99
C ILE B 128 20.11 -19.48 8.50
N ILE B 129 20.47 -18.45 7.74
CA ILE B 129 20.82 -18.61 6.33
C ILE B 129 22.20 -18.00 6.11
N SER B 130 22.90 -18.46 5.08
CA SER B 130 24.26 -18.00 4.84
C SER B 130 24.48 -17.54 3.40
N ILE B 131 25.21 -16.44 3.26
CA ILE B 131 25.69 -16.01 1.97
C ILE B 131 27.03 -16.70 1.70
N GLY B 132 27.13 -17.36 0.55
CA GLY B 132 28.34 -18.05 0.18
C GLY B 132 29.00 -17.46 -1.05
N THR B 133 30.29 -17.16 -0.95
CA THR B 133 31.04 -16.62 -2.08
C THR B 133 32.32 -17.40 -2.32
N PRO B 134 32.61 -17.73 -3.58
CA PRO B 134 33.87 -18.38 -3.94
C PRO B 134 35.03 -17.38 -3.89
N VAL B 135 36.23 -17.88 -3.60
CA VAL B 135 37.42 -17.03 -3.56
C VAL B 135 38.44 -17.51 -4.57
N TYR B 136 38.94 -16.61 -5.40
CA TYR B 136 39.86 -16.97 -6.47
C TYR B 136 41.19 -16.24 -6.42
N GLN B 137 42.26 -16.97 -6.69
CA GLN B 137 43.56 -16.37 -6.95
C GLN B 137 43.98 -16.79 -8.35
N GLN B 138 44.08 -15.83 -9.27
CA GLN B 138 44.35 -16.07 -10.69
C GLN B 138 43.59 -17.27 -11.30
N SER B 139 42.25 -17.18 -11.27
CA SER B 139 41.33 -18.12 -11.93
C SER B 139 41.30 -19.50 -11.27
N ASN B 140 41.83 -19.55 -10.06
CA ASN B 140 42.18 -20.75 -9.33
C ASN B 140 41.44 -20.78 -8.00
N PHE B 141 40.47 -21.70 -7.87
CA PHE B 141 39.62 -21.78 -6.69
C PHE B 141 40.44 -22.14 -5.47
N VAL B 142 40.40 -21.27 -4.48
CA VAL B 142 41.21 -21.46 -3.28
C VAL B 142 40.35 -21.63 -2.03
N GLY B 143 39.03 -21.46 -2.17
CA GLY B 143 38.14 -21.61 -1.04
C GLY B 143 36.87 -20.78 -1.14
N ALA B 144 36.04 -20.85 -0.10
CA ALA B 144 34.78 -20.12 -0.09
C ALA B 144 34.53 -19.44 1.25
N MET B 145 33.72 -18.39 1.24
CA MET B 145 33.40 -17.65 2.46
C MET B 145 31.94 -17.84 2.88
N PHE B 146 31.68 -17.69 4.17
CA PHE B 146 30.29 -17.71 4.65
C PHE B 146 29.95 -16.41 5.38
N TYR B 147 28.74 -15.92 5.11
CA TYR B 147 28.19 -14.76 5.81
C TYR B 147 26.87 -15.15 6.46
N ASP B 148 26.91 -15.43 7.76
CA ASP B 148 25.72 -15.86 8.47
C ASP B 148 24.73 -14.72 8.68
N VAL B 149 23.49 -14.94 8.25
CA VAL B 149 22.42 -13.96 8.46
C VAL B 149 21.38 -14.53 9.41
N GLU B 150 21.04 -13.75 10.44
CA GLU B 150 20.05 -14.20 11.41
C GLU B 150 18.63 -13.95 10.89
N LEU B 151 17.71 -14.82 11.24
CA LEU B 151 16.33 -14.73 10.77
C LEU B 151 15.42 -14.21 11.89
N THR B 152 15.93 -13.26 12.66
CA THR B 152 15.19 -12.71 13.79
C THR B 152 14.07 -11.78 13.34
N GLN B 153 14.18 -11.26 12.12
CA GLN B 153 13.14 -10.41 11.56
C GLN B 153 11.89 -11.24 11.22
N LEU B 154 12.10 -12.50 10.87
CA LEU B 154 11.00 -13.41 10.58
C LEU B 154 10.09 -13.58 11.79
N ALA B 155 10.72 -13.71 12.96
CA ALA B 155 10.00 -13.91 14.21
C ALA B 155 9.12 -12.71 14.55
N GLN B 156 9.62 -11.51 14.23
CA GLN B 156 8.91 -10.28 14.56
C GLN B 156 7.68 -10.08 13.68
N LEU B 157 7.80 -10.40 12.40
CA LEU B 157 6.67 -10.31 11.48
C LEU B 157 5.55 -11.25 11.90
N VAL B 158 5.93 -12.49 12.21
CA VAL B 158 4.97 -13.52 12.60
C VAL B 158 4.27 -13.20 13.91
N ASN B 159 5.01 -12.65 14.87
CA ASN B 159 4.47 -12.34 16.19
C ASN B 159 3.59 -11.09 16.20
N SER B 160 3.67 -10.30 15.14
CA SER B 160 2.92 -9.05 15.06
C SER B 160 1.61 -9.20 14.32
N VAL B 161 1.14 -10.44 14.18
CA VAL B 161 -0.14 -10.69 13.53
C VAL B 161 -1.11 -11.34 14.50
N ASN B 162 -1.70 -10.52 15.37
CA ASN B 162 -2.75 -10.98 16.27
C ASN B 162 -4.11 -10.80 15.61
N LEU B 163 -4.46 -11.71 14.69
CA LEU B 163 -5.73 -11.61 13.98
C LEU B 163 -6.90 -12.11 14.83
N PHE B 164 -6.98 -11.58 16.06
CA PHE B 164 -8.12 -11.79 16.95
C PHE B 164 -8.32 -13.25 17.34
N ASP B 165 -7.22 -13.94 17.62
CA ASP B 165 -7.23 -15.31 18.13
C ASP B 165 -7.93 -16.32 17.23
N ALA B 166 -8.30 -15.91 16.02
CA ALA B 166 -8.91 -16.81 15.06
C ALA B 166 -7.85 -17.77 14.52
N GLY B 167 -6.62 -17.29 14.44
CA GLY B 167 -5.51 -18.07 13.94
C GLY B 167 -4.23 -17.27 13.90
N TYR B 168 -3.31 -17.66 13.03
CA TYR B 168 -2.01 -17.01 12.94
C TYR B 168 -1.34 -17.21 11.59
N LEU B 169 -0.16 -16.61 11.43
CA LEU B 169 0.67 -16.79 10.23
C LEU B 169 1.97 -17.47 10.60
N PHE B 170 2.46 -18.34 9.71
CA PHE B 170 3.73 -19.03 9.93
C PHE B 170 4.52 -19.15 8.64
N ILE B 171 5.83 -19.38 8.79
CA ILE B 171 6.72 -19.45 7.63
C ILE B 171 7.44 -20.80 7.60
N THR B 172 7.78 -21.26 6.41
CA THR B 172 8.21 -22.63 6.19
C THR B 172 9.12 -22.73 4.95
N THR B 173 10.17 -23.54 5.04
CA THR B 173 11.07 -23.77 3.90
C THR B 173 10.33 -24.52 2.79
N LYS B 174 10.98 -24.67 1.63
CA LYS B 174 10.35 -25.36 0.52
C LYS B 174 10.11 -26.84 0.85
N ASP B 175 10.81 -27.35 1.85
CA ASP B 175 10.72 -28.76 2.22
C ASP B 175 9.77 -29.01 3.39
N GLY B 176 9.07 -27.97 3.83
CA GLY B 176 8.07 -28.14 4.88
C GLY B 176 8.56 -27.82 6.28
N VAL B 177 9.83 -27.44 6.41
CA VAL B 177 10.41 -27.17 7.72
C VAL B 177 10.05 -25.78 8.23
N THR B 178 9.38 -25.73 9.38
CA THR B 178 8.96 -24.46 9.97
C THR B 178 10.15 -23.67 10.48
N ILE B 179 10.22 -22.39 10.09
CA ILE B 179 11.31 -21.52 10.49
C ILE B 179 10.82 -20.27 11.20
N ALA B 180 9.50 -20.13 11.30
CA ALA B 180 8.89 -19.01 11.99
C ALA B 180 7.48 -19.37 12.46
N HIS B 181 7.19 -19.07 13.72
CA HIS B 181 5.94 -19.47 14.34
C HIS B 181 5.69 -18.66 15.60
N PRO B 182 4.41 -18.33 15.89
CA PRO B 182 4.09 -17.63 17.14
C PRO B 182 4.53 -18.45 18.35
N ASN B 183 4.50 -19.76 18.20
CA ASN B 183 5.07 -20.69 19.17
C ASN B 183 6.39 -21.23 18.63
N ALA B 184 7.49 -20.67 19.13
CA ALA B 184 8.83 -20.97 18.60
C ALA B 184 9.27 -22.41 18.85
N GLU B 185 8.45 -23.17 19.56
CA GLU B 185 8.75 -24.58 19.84
C GLU B 185 8.59 -25.43 18.59
N ASN B 186 7.99 -24.86 17.54
CA ASN B 186 7.74 -25.58 16.31
C ASN B 186 8.83 -25.37 15.26
N ASN B 187 9.66 -24.36 15.48
CA ASN B 187 10.76 -24.08 14.57
C ASN B 187 11.77 -25.23 14.54
N GLY B 188 12.06 -25.72 13.34
CA GLY B 188 12.95 -26.85 13.17
C GLY B 188 12.20 -28.11 12.81
N GLU B 189 10.90 -28.13 13.10
CA GLU B 189 10.07 -29.29 12.77
C GLU B 189 9.31 -29.04 11.47
N LYS B 190 8.83 -30.12 10.86
CA LYS B 190 7.94 -30.00 9.72
C LYS B 190 6.63 -29.39 10.19
N PHE B 191 5.98 -28.63 9.32
CA PHE B 191 4.75 -27.92 9.69
C PHE B 191 3.60 -28.90 9.93
N SER B 192 3.78 -30.13 9.47
CA SER B 192 2.74 -31.15 9.59
C SER B 192 2.52 -31.61 11.03
N GLN B 193 3.40 -31.19 11.93
CA GLN B 193 3.28 -31.58 13.34
C GLN B 193 2.18 -30.78 14.03
N PHE B 194 2.14 -29.48 13.83
CA PHE B 194 1.08 -28.65 14.41
C PHE B 194 -0.08 -28.47 13.43
N LEU B 195 0.10 -28.99 12.21
CA LEU B 195 -0.94 -28.89 11.19
C LEU B 195 -0.83 -30.06 10.20
N PRO B 196 -1.34 -31.23 10.58
CA PRO B 196 -1.28 -32.41 9.71
C PRO B 196 -2.32 -32.39 8.59
N ASN B 197 -2.12 -33.25 7.59
CA ASN B 197 -3.05 -33.42 6.47
C ASN B 197 -3.21 -32.17 5.61
N VAL B 198 -2.22 -31.30 5.63
CA VAL B 198 -2.19 -30.16 4.72
C VAL B 198 -1.03 -30.32 3.74
N ASP B 199 -1.34 -30.31 2.45
CA ASP B 199 -0.32 -30.38 1.43
C ASP B 199 0.36 -29.03 1.27
N LEU B 200 1.69 -29.03 1.29
CA LEU B 200 2.44 -27.79 1.11
C LEU B 200 2.35 -27.33 -0.34
N LYS B 201 1.37 -26.48 -0.62
CA LYS B 201 1.13 -26.00 -1.97
C LYS B 201 0.42 -24.65 -1.94
N GLU B 202 0.69 -23.81 -2.94
CA GLU B 202 0.01 -22.53 -3.06
C GLU B 202 -1.47 -22.73 -3.33
N GLY B 203 -2.30 -22.03 -2.58
CA GLY B 203 -3.74 -22.15 -2.74
C GLY B 203 -4.49 -22.30 -1.43
N THR B 204 -5.77 -22.61 -1.53
CA THR B 204 -6.64 -22.70 -0.36
C THR B 204 -6.98 -24.15 -0.01
N GLN B 205 -6.82 -24.51 1.26
CA GLN B 205 -7.19 -25.84 1.74
C GLN B 205 -8.11 -25.77 2.94
N ARG B 206 -8.95 -26.78 3.10
CA ARG B 206 -9.81 -26.91 4.28
C ARG B 206 -9.74 -28.32 4.82
N ILE B 207 -9.48 -28.43 6.12
CA ILE B 207 -9.40 -29.74 6.77
C ILE B 207 -10.20 -29.77 8.06
N GLU B 208 -10.43 -30.98 8.56
CA GLU B 208 -11.10 -31.15 9.85
C GLU B 208 -10.21 -31.95 10.79
N LEU B 209 -9.78 -31.32 11.88
CA LEU B 209 -8.92 -31.97 12.86
C LEU B 209 -9.55 -31.94 14.24
N ASP B 210 -9.78 -33.12 14.80
CA ASP B 210 -10.36 -33.27 16.13
C ASP B 210 -11.71 -32.58 16.26
N GLY B 211 -12.44 -32.49 15.15
CA GLY B 211 -13.75 -31.85 15.15
C GLY B 211 -13.67 -30.35 14.91
N LYS B 212 -12.46 -29.84 14.74
CA LYS B 212 -12.26 -28.42 14.45
C LYS B 212 -12.08 -28.22 12.95
N TYR B 213 -12.76 -27.21 12.41
CA TYR B 213 -12.67 -26.90 10.99
C TYR B 213 -11.68 -25.76 10.73
N TYR B 214 -10.67 -26.04 9.92
CA TYR B 214 -9.61 -25.06 9.65
C TYR B 214 -9.56 -24.62 8.20
N LEU B 215 -9.11 -23.37 7.99
CA LEU B 215 -8.90 -22.82 6.67
C LEU B 215 -7.42 -22.50 6.52
N VAL B 216 -6.78 -23.01 5.46
CA VAL B 216 -5.36 -22.80 5.26
C VAL B 216 -5.03 -22.17 3.92
N LYS B 217 -4.24 -21.10 3.94
CA LYS B 217 -3.75 -20.47 2.72
C LYS B 217 -2.23 -20.46 2.69
N PHE B 218 -1.66 -20.90 1.57
CA PHE B 218 -0.22 -20.86 1.38
C PHE B 218 0.17 -19.98 0.21
N ALA B 219 1.21 -19.19 0.41
CA ALA B 219 1.79 -18.37 -0.65
C ALA B 219 3.30 -18.47 -0.60
N GLN B 220 3.94 -18.53 -1.76
CA GLN B 220 5.37 -18.74 -1.83
C GLN B 220 6.14 -17.44 -2.03
N VAL B 221 7.29 -17.33 -1.36
CA VAL B 221 8.22 -16.23 -1.59
C VAL B 221 9.30 -16.70 -2.56
N PRO B 222 9.13 -16.37 -3.85
CA PRO B 222 9.89 -16.93 -4.98
C PRO B 222 11.41 -16.90 -4.83
N SER B 223 11.96 -15.78 -4.39
CA SER B 223 13.42 -15.63 -4.31
C SER B 223 14.04 -16.48 -3.21
N GLU B 224 13.29 -16.73 -2.15
CA GLU B 224 13.78 -17.53 -1.03
C GLU B 224 13.19 -18.94 -1.07
N SER B 225 12.16 -19.12 -1.89
CA SER B 225 11.42 -20.38 -1.98
C SER B 225 10.81 -20.76 -0.64
N TRP B 226 10.52 -19.76 0.19
CA TRP B 226 9.84 -19.97 1.46
C TRP B 226 8.34 -19.99 1.26
N TYR B 227 7.63 -20.76 2.09
CA TYR B 227 6.19 -20.76 2.07
C TYR B 227 5.63 -20.01 3.28
N ILE B 228 4.69 -19.11 3.03
CA ILE B 228 4.00 -18.42 4.11
C ILE B 228 2.60 -18.99 4.26
N GLY B 229 2.28 -19.47 5.46
CA GLY B 229 1.01 -20.11 5.71
C GLY B 229 0.08 -19.27 6.58
N ALA B 230 -1.21 -19.38 6.30
CA ALA B 230 -2.23 -18.66 7.07
C ALA B 230 -3.31 -19.62 7.55
N VAL B 231 -3.31 -19.92 8.85
CA VAL B 231 -4.29 -20.83 9.41
C VAL B 231 -5.24 -20.09 10.36
N VAL B 232 -6.52 -20.45 10.28
CA VAL B 232 -7.52 -19.89 11.18
C VAL B 232 -8.53 -20.95 11.60
N ASP B 233 -9.08 -20.79 12.80
CA ASP B 233 -10.23 -21.59 13.21
C ASP B 233 -11.45 -20.96 12.53
N GLU B 234 -12.01 -21.67 11.55
CA GLU B 234 -13.06 -21.13 10.71
C GLU B 234 -14.30 -20.71 11.50
N SER B 235 -14.52 -21.37 12.64
CA SER B 235 -15.66 -21.05 13.49
C SER B 235 -15.39 -19.82 14.34
N ILE B 236 -14.19 -19.72 14.90
CA ILE B 236 -13.79 -18.55 15.67
C ILE B 236 -13.73 -17.33 14.76
N ALA B 237 -13.30 -17.53 13.52
CA ALA B 237 -13.29 -16.47 12.53
C ALA B 237 -14.71 -16.06 12.15
N PHE B 238 -15.61 -17.04 12.17
CA PHE B 238 -17.03 -16.79 11.91
C PHE B 238 -17.60 -15.89 12.99
N ALA B 239 -17.19 -16.14 14.23
CA ALA B 239 -17.68 -15.39 15.39
C ALA B 239 -17.12 -13.97 15.42
N MET B 240 -15.93 -13.79 14.86
CA MET B 240 -15.29 -12.48 14.82
C MET B 240 -15.62 -11.76 13.52
N VAL B 241 -16.82 -12.00 13.00
CA VAL B 241 -17.29 -11.37 11.78
C VAL B 241 -18.81 -11.27 11.77
N GLY C 4 -15.86 24.14 -2.96
CA GLY C 4 -16.78 23.19 -3.54
C GLY C 4 -16.28 21.75 -3.42
N SER C 5 -17.21 20.81 -3.34
CA SER C 5 -16.87 19.40 -3.14
C SER C 5 -15.96 18.86 -4.25
N VAL C 6 -16.12 19.38 -5.46
CA VAL C 6 -15.26 18.99 -6.57
C VAL C 6 -13.85 19.50 -6.35
N ARG C 7 -13.75 20.78 -5.96
CA ARG C 7 -12.46 21.38 -5.64
C ARG C 7 -11.77 20.63 -4.50
N GLU C 8 -12.57 20.13 -3.57
CA GLU C 8 -12.04 19.41 -2.41
C GLU C 8 -11.64 17.98 -2.79
N GLU C 9 -12.14 17.50 -3.92
CA GLU C 9 -11.76 16.16 -4.39
C GLU C 9 -10.48 16.23 -5.21
N ILE C 10 -10.33 17.32 -5.96
CA ILE C 10 -9.08 17.60 -6.68
C ILE C 10 -7.93 17.60 -5.70
N GLU C 11 -8.12 18.35 -4.61
CA GLU C 11 -7.13 18.44 -3.53
C GLU C 11 -6.83 17.08 -2.91
N SER C 12 -7.82 16.19 -2.94
CA SER C 12 -7.67 14.86 -2.37
C SER C 12 -6.89 13.93 -3.29
N LEU C 13 -7.04 14.12 -4.59
CA LEU C 13 -6.34 13.31 -5.57
C LEU C 13 -4.87 13.71 -5.66
N VAL C 14 -4.61 15.00 -5.60
CA VAL C 14 -3.26 15.52 -5.59
C VAL C 14 -2.52 15.03 -4.34
N GLN C 15 -3.25 14.95 -3.24
CA GLN C 15 -2.71 14.45 -1.98
C GLN C 15 -2.35 12.97 -2.08
N ASP C 16 -3.20 12.21 -2.77
CA ASP C 16 -2.96 10.77 -2.95
C ASP C 16 -1.76 10.54 -3.85
N SER C 17 -1.65 11.33 -4.91
CA SER C 17 -0.52 11.24 -5.83
C SER C 17 0.76 11.66 -5.12
N LEU C 18 0.66 12.67 -4.26
CA LEU C 18 1.81 13.18 -3.54
C LEU C 18 2.35 12.17 -2.55
N MET C 19 1.46 11.62 -1.72
CA MET C 19 1.84 10.63 -0.73
C MET C 19 2.40 9.36 -1.38
N GLU C 20 1.91 9.06 -2.57
CA GLU C 20 2.38 7.90 -3.32
C GLU C 20 3.81 8.13 -3.80
N MET C 21 4.09 9.35 -4.23
CA MET C 21 5.43 9.71 -4.68
C MET C 21 6.40 9.77 -3.50
N VAL C 22 5.90 10.19 -2.34
CA VAL C 22 6.71 10.20 -1.13
C VAL C 22 7.09 8.78 -0.73
N LYS C 23 6.13 7.86 -0.85
CA LYS C 23 6.38 6.46 -0.55
C LYS C 23 7.30 5.85 -1.60
N GLY C 24 7.16 6.32 -2.84
CA GLY C 24 7.98 5.83 -3.93
C GLY C 24 9.46 6.21 -3.79
N VAL C 25 9.70 7.45 -3.39
CA VAL C 25 11.07 7.94 -3.22
C VAL C 25 11.74 7.25 -2.04
N LYS C 26 11.00 7.05 -0.95
CA LYS C 26 11.53 6.37 0.22
C LYS C 26 11.86 4.91 -0.05
N ASN C 27 11.04 4.27 -0.88
CA ASN C 27 11.20 2.84 -1.14
C ASN C 27 12.22 2.53 -2.24
N THR C 28 12.70 3.56 -2.91
CA THR C 28 13.71 3.38 -3.94
C THR C 28 15.06 3.93 -3.49
N ILE C 29 15.15 5.25 -3.38
CA ILE C 29 16.41 5.93 -3.08
C ILE C 29 16.91 5.65 -1.67
N GLU C 30 16.04 5.83 -0.67
CA GLU C 30 16.43 5.65 0.72
C GLU C 30 16.85 4.21 1.00
N SER C 31 16.16 3.26 0.39
CA SER C 31 16.53 1.85 0.49
C SER C 31 17.83 1.59 -0.26
N ASP C 32 18.05 2.35 -1.33
CA ASP C 32 19.27 2.26 -2.11
C ASP C 32 20.43 2.91 -1.36
N LEU C 33 20.14 4.04 -0.71
CA LEU C 33 21.16 4.76 0.06
C LEU C 33 21.59 3.95 1.27
N ALA C 34 20.64 3.29 1.92
CA ALA C 34 20.93 2.45 3.08
C ALA C 34 21.94 1.37 2.71
N SER C 35 21.72 0.74 1.56
CA SER C 35 22.65 -0.27 1.05
C SER C 35 24.02 0.34 0.77
N LYS C 36 24.02 1.51 0.16
CA LYS C 36 25.26 2.18 -0.21
C LYS C 36 26.00 2.74 0.99
N LYS C 37 25.26 3.15 2.02
CA LYS C 37 25.87 3.67 3.24
C LYS C 37 26.66 2.58 3.97
N GLY C 38 26.11 1.36 3.98
CA GLY C 38 26.80 0.23 4.57
C GLY C 38 28.03 -0.15 3.79
N LEU C 39 27.93 -0.07 2.46
CA LEU C 39 29.04 -0.40 1.59
C LEU C 39 30.17 0.62 1.74
N ALA C 40 29.81 1.88 1.85
CA ALA C 40 30.78 2.96 2.00
C ALA C 40 31.47 2.90 3.36
N GLN C 41 30.68 2.60 4.39
CA GLN C 41 31.20 2.50 5.75
C GLN C 41 32.25 1.41 5.88
N SER C 42 31.97 0.25 5.29
CA SER C 42 32.89 -0.88 5.34
C SER C 42 34.15 -0.59 4.52
N THR C 43 33.97 0.01 3.35
CA THR C 43 35.09 0.37 2.50
C THR C 43 36.05 1.31 3.21
N THR C 44 35.48 2.30 3.91
CA THR C 44 36.26 3.29 4.64
C THR C 44 37.07 2.65 5.76
N GLU C 45 36.41 1.79 6.53
CA GLU C 45 37.07 1.12 7.65
C GLU C 45 38.18 0.19 7.15
N ILE C 46 37.92 -0.50 6.04
CA ILE C 46 38.90 -1.38 5.43
C ILE C 46 40.11 -0.59 4.94
N LEU C 47 39.85 0.60 4.40
CA LEU C 47 40.94 1.46 3.92
C LEU C 47 41.75 2.03 5.08
N GLN C 48 41.16 2.06 6.26
CA GLN C 48 41.85 2.58 7.44
C GLN C 48 42.82 1.56 8.04
N LEU C 49 42.97 0.42 7.37
CA LEU C 49 43.97 -0.57 7.76
C LEU C 49 45.34 -0.12 7.30
N ASP C 50 45.36 0.75 6.29
CA ASP C 50 46.59 1.35 5.78
C ASP C 50 46.25 2.65 5.04
N PRO C 51 45.84 3.69 5.81
CA PRO C 51 45.26 4.93 5.28
C PRO C 51 46.17 5.67 4.29
N THR C 52 47.48 5.66 4.54
CA THR C 52 48.41 6.40 3.70
C THR C 52 48.85 5.60 2.48
N ASN C 53 48.50 4.31 2.45
CA ASN C 53 48.84 3.46 1.33
C ASN C 53 47.89 3.67 0.16
N LYS C 54 48.27 4.56 -0.75
CA LYS C 54 47.43 4.97 -1.86
C LYS C 54 47.26 3.86 -2.90
N ALA C 55 48.30 3.07 -3.11
CA ALA C 55 48.23 1.94 -4.03
C ALA C 55 47.19 0.93 -3.55
N PHE C 56 47.09 0.80 -2.23
CA PHE C 56 46.09 -0.06 -1.61
C PHE C 56 44.71 0.55 -1.76
N ALA C 57 44.63 1.87 -1.75
CA ALA C 57 43.37 2.58 -1.92
C ALA C 57 42.81 2.38 -3.32
N LYS C 58 43.65 2.59 -4.33
CA LYS C 58 43.24 2.44 -5.72
C LYS C 58 42.72 1.04 -6.02
N SER C 59 43.43 0.03 -5.50
CA SER C 59 43.05 -1.36 -5.73
C SER C 59 41.66 -1.68 -5.19
N VAL C 60 41.36 -1.18 -4.00
CA VAL C 60 40.05 -1.38 -3.38
C VAL C 60 38.96 -0.67 -4.17
N LEU C 61 39.26 0.52 -4.66
CA LEU C 61 38.28 1.32 -5.39
C LEU C 61 38.06 0.80 -6.81
N GLU C 62 38.94 -0.10 -7.27
CA GLU C 62 38.81 -0.66 -8.62
C GLU C 62 38.12 -2.02 -8.61
N SER C 63 37.77 -2.50 -7.42
CA SER C 63 37.00 -3.74 -7.31
C SER C 63 35.65 -3.56 -7.99
N PRO C 64 35.30 -4.51 -8.87
CA PRO C 64 34.13 -4.41 -9.75
C PRO C 64 32.83 -4.12 -9.02
N ASN C 65 32.58 -4.67 -7.83
CA ASN C 65 31.27 -4.42 -7.24
C ASN C 65 31.17 -2.94 -6.95
N LEU C 66 32.22 -2.49 -6.26
CA LEU C 66 32.29 -1.15 -5.72
C LEU C 66 32.22 -0.12 -6.83
N LYS C 67 33.02 -0.33 -7.87
CA LYS C 67 33.06 0.56 -9.01
C LYS C 67 31.73 0.56 -9.75
N GLY C 68 30.99 -0.53 -9.66
CA GLY C 68 29.70 -0.64 -10.32
C GLY C 68 28.54 -0.13 -9.47
N SER C 69 28.81 0.07 -8.19
CA SER C 69 27.78 0.49 -7.24
C SER C 69 27.66 2.01 -7.16
N PHE C 70 28.67 2.72 -7.63
CA PHE C 70 28.68 4.17 -7.54
C PHE C 70 29.09 4.83 -8.86
N LEU C 71 28.68 6.08 -9.04
CA LEU C 71 29.09 6.87 -10.19
C LEU C 71 30.61 7.06 -10.18
N ALA C 72 31.14 7.30 -8.99
CA ALA C 72 32.57 7.45 -8.79
C ALA C 72 32.93 7.36 -7.31
N ILE C 73 34.15 6.90 -7.03
CA ILE C 73 34.65 6.87 -5.66
C ILE C 73 36.05 7.49 -5.61
N GLY C 74 36.33 8.24 -4.56
CA GLY C 74 37.63 8.87 -4.44
C GLY C 74 38.04 9.14 -3.01
N LEU C 75 39.19 9.79 -2.86
CA LEU C 75 39.76 10.05 -1.54
C LEU C 75 40.69 11.27 -1.58
N GLY C 76 40.32 12.30 -0.84
CA GLY C 76 41.16 13.49 -0.72
C GLY C 76 41.98 13.42 0.54
N TYR C 77 43.19 13.96 0.50
CA TYR C 77 44.08 13.94 1.65
C TYR C 77 44.26 15.32 2.25
N GLU C 78 44.36 15.37 3.58
CA GLU C 78 44.40 16.63 4.31
C GLU C 78 45.74 17.35 4.16
N SER C 79 46.82 16.60 4.11
CA SER C 79 48.17 17.18 4.10
C SER C 79 48.49 17.88 2.79
N ASP C 80 48.38 17.16 1.67
CA ASP C 80 48.82 17.68 0.39
C ASP C 80 47.73 17.77 -0.67
N ALA C 81 46.48 17.65 -0.26
CA ALA C 81 45.32 17.75 -1.16
C ALA C 81 45.41 16.77 -2.34
N THR C 82 46.01 15.62 -2.10
CA THR C 82 46.13 14.56 -3.11
C THR C 82 44.80 13.83 -3.27
N VAL C 83 44.48 13.40 -4.49
CA VAL C 83 43.23 12.70 -4.75
C VAL C 83 43.49 11.27 -5.22
N VAL C 84 42.69 10.33 -4.72
CA VAL C 84 42.74 8.94 -5.16
C VAL C 84 41.39 8.53 -5.73
N GLU C 85 41.14 8.97 -6.95
CA GLU C 85 39.90 8.72 -7.67
C GLU C 85 39.81 7.30 -8.22
N ASN C 86 38.65 6.92 -8.77
CA ASN C 86 38.53 5.65 -9.48
C ASN C 86 37.80 5.79 -10.82
N ASP C 87 37.57 7.03 -11.24
CA ASP C 87 36.84 7.29 -12.49
C ASP C 87 37.75 7.13 -13.70
N ASP C 88 37.33 6.30 -14.66
CA ASP C 88 38.10 6.07 -15.88
C ASP C 88 37.95 7.22 -16.86
N GLY C 89 37.04 8.16 -16.55
CA GLY C 89 36.75 9.27 -17.45
C GLY C 89 36.92 10.64 -16.83
N TRP C 90 37.53 10.70 -15.65
CA TRP C 90 37.85 11.96 -15.00
C TRP C 90 39.31 11.97 -14.59
N GLU C 91 39.84 13.17 -14.33
CA GLU C 91 41.17 13.37 -13.76
C GLU C 91 41.24 14.82 -13.27
N PRO C 92 41.49 15.02 -11.97
CA PRO C 92 41.38 16.35 -11.35
C PRO C 92 42.29 17.40 -11.99
N ASN C 93 41.68 18.52 -12.36
CA ASN C 93 42.43 19.64 -12.94
C ASN C 93 43.30 20.32 -11.88
N ALA C 94 44.20 21.18 -12.33
CA ALA C 94 45.26 21.79 -11.49
C ALA C 94 44.85 22.11 -10.06
N ASP C 95 43.91 23.03 -9.89
CA ASP C 95 43.52 23.45 -8.56
C ASP C 95 42.12 22.97 -8.17
N TYR C 96 41.88 21.68 -8.37
CA TYR C 96 40.75 21.02 -7.75
C TYR C 96 41.16 20.63 -6.34
N ASP C 97 40.71 21.40 -5.37
CA ASP C 97 41.04 21.13 -3.98
C ASP C 97 39.89 20.35 -3.33
N PRO C 98 40.10 19.06 -3.08
CA PRO C 98 39.06 18.20 -2.50
C PRO C 98 38.63 18.68 -1.13
N ARG C 99 39.51 19.40 -0.44
CA ARG C 99 39.25 19.88 0.91
C ARG C 99 38.22 21.00 0.97
N LYS C 100 37.79 21.48 -0.20
CA LYS C 100 36.77 22.52 -0.26
C LYS C 100 35.50 22.02 -0.93
N ARG C 101 35.46 20.72 -1.23
CA ARG C 101 34.28 20.08 -1.79
C ARG C 101 33.27 19.78 -0.68
N PRO C 102 31.96 19.78 -1.01
CA PRO C 102 30.91 19.59 0.00
C PRO C 102 31.02 18.29 0.80
N TRP C 103 31.36 17.19 0.13
CA TRP C 103 31.45 15.90 0.81
C TRP C 103 32.59 15.89 1.82
N TYR C 104 33.63 16.65 1.54
CA TYR C 104 34.79 16.74 2.42
C TYR C 104 34.47 17.58 3.66
N VAL C 105 33.96 18.78 3.42
CA VAL C 105 33.61 19.71 4.50
C VAL C 105 32.62 19.09 5.48
N ASP C 106 31.65 18.35 4.94
CA ASP C 106 30.65 17.69 5.77
C ASP C 106 31.26 16.55 6.57
N ALA C 107 32.15 15.78 5.95
CA ALA C 107 32.77 14.63 6.61
C ALA C 107 33.72 15.06 7.72
N LYS C 108 34.43 16.16 7.49
CA LYS C 108 35.39 16.67 8.46
C LYS C 108 34.69 17.27 9.68
N ARG C 109 33.56 17.92 9.45
CA ARG C 109 32.82 18.58 10.53
C ARG C 109 32.08 17.57 11.41
N GLU C 110 31.31 16.70 10.78
CA GLU C 110 30.50 15.73 11.53
C GLU C 110 31.34 14.56 12.03
N ARG C 111 32.52 14.39 11.45
CA ARG C 111 33.48 13.36 11.87
C ARG C 111 32.86 11.96 11.84
N LYS C 112 31.92 11.78 10.92
CA LYS C 112 31.15 10.54 10.81
C LYS C 112 30.59 10.50 9.39
N LEU C 113 30.17 9.32 8.91
CA LEU C 113 29.57 9.18 7.59
C LEU C 113 28.45 10.20 7.36
N VAL C 114 28.53 10.91 6.24
CA VAL C 114 27.57 11.97 5.91
C VAL C 114 26.98 11.79 4.51
N VAL C 115 25.70 12.11 4.36
CA VAL C 115 25.07 12.22 3.05
C VAL C 115 24.85 13.70 2.72
N THR C 116 25.55 14.19 1.70
CA THR C 116 25.56 15.62 1.41
C THR C 116 24.26 16.12 0.77
N GLU C 117 24.17 17.45 0.65
CA GLU C 117 23.11 18.09 -0.10
C GLU C 117 23.33 17.86 -1.59
N PRO C 118 22.25 17.84 -2.38
CA PRO C 118 22.40 17.77 -3.83
C PRO C 118 23.22 18.93 -4.37
N TYR C 119 24.17 18.64 -5.25
CA TYR C 119 25.04 19.66 -5.82
C TYR C 119 25.50 19.28 -7.21
N VAL C 120 26.02 20.24 -7.95
CA VAL C 120 26.49 19.99 -9.31
C VAL C 120 27.86 19.33 -9.29
N ASP C 121 27.93 18.10 -9.80
CA ASP C 121 29.20 17.41 -9.96
C ASP C 121 30.08 18.16 -10.94
N ILE C 122 31.35 18.32 -10.60
CA ILE C 122 32.24 19.14 -11.44
C ILE C 122 32.69 18.39 -12.70
N SER C 123 32.47 17.08 -12.72
CA SER C 123 32.88 16.26 -13.85
C SER C 123 31.74 16.02 -14.84
N THR C 124 30.72 15.30 -14.39
CA THR C 124 29.59 14.96 -15.24
C THR C 124 28.62 16.12 -15.41
N LYS C 125 28.82 17.16 -14.60
CA LYS C 125 28.04 18.40 -14.66
C LYS C 125 26.56 18.21 -14.33
N LYS C 126 26.21 17.04 -13.84
CA LYS C 126 24.83 16.77 -13.43
C LYS C 126 24.69 16.88 -11.92
N ILE C 127 23.47 17.04 -11.44
CA ILE C 127 23.22 17.21 -10.01
C ILE C 127 23.14 15.85 -9.31
N ILE C 128 24.03 15.64 -8.35
CA ILE C 128 24.11 14.37 -7.64
C ILE C 128 24.12 14.58 -6.13
N ILE C 129 24.11 13.47 -5.39
CA ILE C 129 24.39 13.50 -3.96
C ILE C 129 25.59 12.59 -3.70
N SER C 130 26.40 12.95 -2.72
CA SER C 130 27.59 12.16 -2.41
C SER C 130 27.58 11.64 -0.98
N ILE C 131 28.02 10.41 -0.80
CA ILE C 131 28.24 9.87 0.53
C ILE C 131 29.64 10.23 0.98
N GLY C 132 29.72 10.96 2.09
CA GLY C 132 31.02 11.39 2.61
C GLY C 132 31.43 10.61 3.84
N THR C 133 32.68 10.18 3.86
CA THR C 133 33.23 9.46 5.01
C THR C 133 34.58 10.03 5.42
N PRO C 134 34.78 10.25 6.73
CA PRO C 134 36.07 10.70 7.24
C PRO C 134 37.07 9.55 7.33
N VAL C 135 38.30 9.79 6.90
CA VAL C 135 39.34 8.77 6.99
C VAL C 135 40.24 9.06 8.19
N TYR C 136 40.34 8.10 9.09
CA TYR C 136 41.11 8.30 10.32
C TYR C 136 42.31 7.38 10.42
N GLN C 137 43.44 7.98 10.78
CA GLN C 137 44.64 7.23 11.10
C GLN C 137 44.92 7.36 12.59
N GLN C 138 44.48 6.36 13.35
CA GLN C 138 44.59 6.37 14.81
C GLN C 138 43.95 7.63 15.38
N SER C 139 42.67 7.83 15.07
CA SER C 139 41.88 8.98 15.53
C SER C 139 42.46 10.32 15.10
N ASN C 140 43.21 10.32 14.00
CA ASN C 140 43.70 11.55 13.39
C ASN C 140 43.16 11.72 11.98
N PHE C 141 42.65 12.91 11.67
CA PHE C 141 42.05 13.17 10.37
C PHE C 141 43.11 13.28 9.28
N VAL C 142 43.13 12.31 8.37
CA VAL C 142 44.10 12.31 7.27
C VAL C 142 43.44 12.64 5.94
N GLY C 143 42.12 12.56 5.89
CA GLY C 143 41.38 12.88 4.68
C GLY C 143 39.93 12.41 4.68
N ALA C 144 39.28 12.55 3.53
CA ALA C 144 37.88 12.15 3.40
C ALA C 144 37.61 11.51 2.04
N MET C 145 36.52 10.75 1.96
CA MET C 145 36.16 10.06 0.73
C MET C 145 34.80 10.49 0.20
N PHE C 146 34.62 10.40 -1.11
CA PHE C 146 33.32 10.64 -1.70
C PHE C 146 32.80 9.38 -2.41
N TYR C 147 31.51 9.14 -2.26
CA TYR C 147 30.83 8.04 -2.94
C TYR C 147 29.65 8.61 -3.71
N ASP C 148 29.86 8.94 -4.97
CA ASP C 148 28.87 9.67 -5.75
C ASP C 148 27.67 8.82 -6.15
N VAL C 149 26.48 9.36 -5.90
CA VAL C 149 25.23 8.72 -6.27
C VAL C 149 24.41 9.65 -7.15
N GLU C 150 24.24 9.30 -8.42
CA GLU C 150 23.46 10.13 -9.32
C GLU C 150 21.96 9.86 -9.14
N LEU C 151 21.15 10.90 -9.33
CA LEU C 151 19.74 10.85 -8.99
C LEU C 151 18.85 10.60 -10.20
N THR C 152 19.22 9.63 -11.03
CA THR C 152 18.46 9.34 -12.24
C THR C 152 17.15 8.60 -11.94
N GLN C 153 17.11 7.88 -10.83
CA GLN C 153 15.93 7.08 -10.50
C GLN C 153 14.76 7.96 -10.06
N LEU C 154 15.05 9.10 -9.41
CA LEU C 154 13.99 10.03 -9.05
C LEU C 154 13.58 10.84 -10.27
N ALA C 155 14.49 10.93 -11.24
CA ALA C 155 14.19 11.57 -12.51
C ALA C 155 13.23 10.70 -13.29
N GLN C 156 13.35 9.38 -13.11
CA GLN C 156 12.43 8.43 -13.72
C GLN C 156 11.05 8.58 -13.11
N LEU C 157 10.98 8.59 -11.78
CA LEU C 157 9.73 8.72 -11.04
C LEU C 157 8.94 9.96 -11.47
N VAL C 158 9.65 11.07 -11.64
CA VAL C 158 9.02 12.34 -11.96
C VAL C 158 8.40 12.32 -13.36
N ASN C 159 9.05 11.62 -14.29
CA ASN C 159 8.50 11.46 -15.64
C ASN C 159 7.51 10.31 -15.71
N SER C 160 7.72 9.30 -14.87
CA SER C 160 6.84 8.14 -14.83
C SER C 160 5.42 8.50 -14.45
N VAL C 161 5.26 9.61 -13.73
CA VAL C 161 3.95 10.02 -13.27
C VAL C 161 3.54 11.38 -13.82
N ASN C 162 2.44 11.41 -14.57
CA ASN C 162 1.81 12.65 -14.96
C ASN C 162 0.44 12.74 -14.32
N LEU C 163 0.14 13.89 -13.70
CA LEU C 163 -1.12 14.05 -12.96
C LEU C 163 -2.32 14.15 -13.90
N PHE C 164 -2.41 13.19 -14.83
CA PHE C 164 -3.50 13.08 -15.80
C PHE C 164 -3.74 14.39 -16.55
N ASP C 165 -2.66 14.93 -17.13
CA ASP C 165 -2.67 16.17 -17.91
C ASP C 165 -3.40 17.32 -17.19
N ALA C 166 -3.40 17.25 -15.86
CA ALA C 166 -3.80 18.35 -15.01
C ALA C 166 -2.56 19.06 -14.49
N GLY C 167 -1.47 18.31 -14.37
CA GLY C 167 -0.20 18.85 -13.95
C GLY C 167 0.84 17.76 -13.80
N TYR C 168 1.76 17.93 -12.85
CA TYR C 168 2.87 16.99 -12.70
C TYR C 168 3.48 17.06 -11.30
N LEU C 169 4.49 16.21 -11.07
CA LEU C 169 5.22 16.18 -9.81
C LEU C 169 6.68 16.55 -10.03
N PHE C 170 7.30 17.15 -9.01
CA PHE C 170 8.69 17.55 -9.11
C PHE C 170 9.37 17.58 -7.73
N ILE C 171 10.70 17.57 -7.72
CA ILE C 171 11.47 17.46 -6.49
C ILE C 171 12.49 18.59 -6.34
N THR C 172 12.54 19.20 -5.16
CA THR C 172 13.51 20.25 -4.88
C THR C 172 14.32 19.97 -3.62
N THR C 173 15.33 20.79 -3.36
CA THR C 173 16.16 20.65 -2.17
C THR C 173 15.59 21.43 -0.99
N LYS C 174 16.37 21.51 0.08
CA LYS C 174 15.99 22.25 1.28
C LYS C 174 15.76 23.72 0.98
N ASP C 175 16.50 24.25 0.02
CA ASP C 175 16.48 25.68 -0.28
C ASP C 175 15.71 25.99 -1.55
N GLY C 176 14.94 25.02 -2.03
CA GLY C 176 14.06 25.23 -3.17
C GLY C 176 14.70 25.02 -4.53
N VAL C 177 15.91 24.48 -4.55
CA VAL C 177 16.61 24.23 -5.81
C VAL C 177 16.09 22.95 -6.46
N THR C 178 15.52 23.08 -7.65
CA THR C 178 14.93 21.95 -8.37
C THR C 178 15.99 20.93 -8.79
N ILE C 179 15.71 19.66 -8.52
CA ILE C 179 16.62 18.58 -8.89
C ILE C 179 15.91 17.51 -9.72
N ALA C 180 14.61 17.67 -9.90
CA ALA C 180 13.81 16.73 -10.69
C ALA C 180 12.61 17.44 -11.30
N HIS C 181 12.39 17.21 -12.59
CA HIS C 181 11.32 17.88 -13.32
C HIS C 181 11.09 17.17 -14.65
N PRO C 182 9.83 17.02 -15.06
CA PRO C 182 9.50 16.40 -16.36
C PRO C 182 10.24 17.12 -17.49
N ASN C 183 10.32 18.44 -17.37
CA ASN C 183 11.17 19.24 -18.22
C ASN C 183 12.51 19.42 -17.52
N ALA C 184 13.51 18.62 -17.90
CA ALA C 184 14.81 18.63 -17.26
C ALA C 184 15.49 19.99 -17.36
N GLU C 185 14.95 20.84 -18.21
CA GLU C 185 15.28 22.26 -18.29
C GLU C 185 15.46 22.90 -16.92
N ASN C 186 14.52 22.63 -16.03
CA ASN C 186 14.40 23.34 -14.77
C ASN C 186 15.33 22.84 -13.67
N ASN C 187 15.88 21.66 -13.84
CA ASN C 187 16.78 21.08 -12.84
C ASN C 187 18.03 21.92 -12.63
N GLY C 188 18.23 22.37 -11.39
CA GLY C 188 19.38 23.18 -11.05
C GLY C 188 19.00 24.60 -10.66
N GLU C 189 17.75 24.95 -10.91
CA GLU C 189 17.26 26.29 -10.59
C GLU C 189 16.31 26.26 -9.40
N LYS C 190 16.13 27.41 -8.76
CA LYS C 190 15.10 27.59 -7.74
C LYS C 190 13.75 27.35 -8.40
N PHE C 191 12.82 26.72 -7.68
CA PHE C 191 11.54 26.36 -8.28
C PHE C 191 10.59 27.56 -8.43
N SER C 192 10.96 28.68 -7.81
CA SER C 192 10.16 29.90 -7.86
C SER C 192 10.30 30.57 -9.21
N GLN C 193 11.22 30.05 -10.00
CA GLN C 193 11.40 30.52 -11.37
C GLN C 193 10.48 29.90 -12.41
N PHE C 194 9.86 28.76 -12.12
CA PHE C 194 8.75 28.29 -12.96
C PHE C 194 7.46 28.29 -12.15
N LEU C 195 7.60 28.49 -10.84
CA LEU C 195 6.46 28.48 -9.93
C LEU C 195 6.58 29.57 -8.86
N PRO C 196 6.37 30.83 -9.26
CA PRO C 196 6.47 31.95 -8.32
C PRO C 196 5.33 31.98 -7.31
N ASN C 197 5.50 32.76 -6.24
CA ASN C 197 4.48 32.96 -5.22
C ASN C 197 4.07 31.67 -4.50
N VAL C 198 4.96 30.69 -4.49
CA VAL C 198 4.72 29.45 -3.76
C VAL C 198 5.79 29.27 -2.68
N ASP C 199 5.36 29.31 -1.42
CA ASP C 199 6.29 29.16 -0.30
C ASP C 199 6.66 27.69 -0.10
N LEU C 200 7.95 27.44 0.02
CA LEU C 200 8.46 26.09 0.24
C LEU C 200 8.07 25.57 1.62
N LYS C 201 6.86 25.05 1.73
CA LYS C 201 6.35 24.54 3.00
C LYS C 201 5.33 23.44 2.74
N GLU C 202 5.21 22.53 3.69
CA GLU C 202 4.20 21.47 3.59
C GLU C 202 2.81 22.08 3.75
N GLY C 203 1.89 21.69 2.87
CA GLY C 203 0.54 22.22 2.93
C GLY C 203 -0.03 22.53 1.55
N THR C 204 -1.30 22.95 1.53
CA THR C 204 -1.99 23.23 0.30
C THR C 204 -1.95 24.71 -0.06
N GLN C 205 -1.38 25.02 -1.22
CA GLN C 205 -1.29 26.41 -1.68
C GLN C 205 -1.99 26.61 -3.01
N ARG C 206 -2.81 27.65 -3.10
CA ARG C 206 -3.48 28.02 -4.34
C ARG C 206 -2.94 29.34 -4.86
N ILE C 207 -2.42 29.31 -6.09
CA ILE C 207 -1.83 30.51 -6.68
C ILE C 207 -2.44 30.83 -8.04
N GLU C 208 -2.31 32.10 -8.44
CA GLU C 208 -2.65 32.52 -9.79
C GLU C 208 -1.37 32.83 -10.55
N LEU C 209 -1.21 32.20 -11.71
CA LEU C 209 -0.02 32.41 -12.53
C LEU C 209 -0.38 32.55 -14.00
N ASP C 210 -0.18 33.76 -14.51
CA ASP C 210 -0.42 34.08 -15.93
C ASP C 210 -1.85 33.75 -16.35
N GLY C 211 -2.82 34.29 -15.62
CA GLY C 211 -4.23 34.10 -15.93
C GLY C 211 -4.75 32.74 -15.53
N LYS C 212 -3.85 31.84 -15.13
CA LYS C 212 -4.23 30.50 -14.74
C LYS C 212 -4.12 30.31 -13.23
N TYR C 213 -4.93 29.40 -12.71
CA TYR C 213 -4.94 29.12 -11.27
C TYR C 213 -4.43 27.71 -11.00
N TYR C 214 -3.46 27.59 -10.10
CA TYR C 214 -2.82 26.30 -9.85
C TYR C 214 -2.98 25.83 -8.40
N LEU C 215 -3.03 24.51 -8.24
CA LEU C 215 -3.07 23.89 -6.92
C LEU C 215 -1.74 23.22 -6.63
N VAL C 216 -1.06 23.69 -5.58
CA VAL C 216 0.24 23.15 -5.24
C VAL C 216 0.26 22.54 -3.84
N LYS C 217 0.79 21.33 -3.74
CA LYS C 217 0.97 20.67 -2.44
C LYS C 217 2.40 20.20 -2.27
N PHE C 218 2.95 20.39 -1.07
CA PHE C 218 4.31 19.97 -0.78
C PHE C 218 4.36 18.95 0.35
N ALA C 219 5.21 17.95 0.17
CA ALA C 219 5.50 16.99 1.24
C ALA C 219 7.01 16.84 1.36
N GLN C 220 7.48 16.61 2.58
CA GLN C 220 8.91 16.51 2.82
C GLN C 220 9.38 15.06 2.92
N VAL C 221 10.62 14.83 2.52
CA VAL C 221 11.28 13.55 2.72
C VAL C 221 12.34 13.74 3.79
N PRO C 222 11.95 13.59 5.07
CA PRO C 222 12.72 13.95 6.27
C PRO C 222 14.17 13.48 6.28
N SER C 223 14.42 12.24 5.88
CA SER C 223 15.76 11.67 5.90
C SER C 223 16.70 12.47 4.99
N GLU C 224 16.16 13.03 3.91
CA GLU C 224 16.93 13.88 3.03
C GLU C 224 16.51 15.34 3.14
N SER C 225 17.10 16.17 2.30
CA SER C 225 16.82 17.60 2.27
C SER C 225 15.70 17.96 1.30
N TRP C 226 14.81 17.00 1.03
CA TRP C 226 14.00 17.08 -0.18
C TRP C 226 12.53 17.39 0.04
N TYR C 227 12.00 18.24 -0.84
CA TYR C 227 10.58 18.53 -0.92
C TYR C 227 10.00 17.93 -2.20
N ILE C 228 8.91 17.20 -2.07
CA ILE C 228 8.21 16.69 -3.26
C ILE C 228 7.05 17.63 -3.59
N GLY C 229 7.09 18.18 -4.80
CA GLY C 229 6.08 19.14 -5.23
C GLY C 229 5.01 18.53 -6.12
N ALA C 230 3.76 18.91 -5.86
CA ALA C 230 2.63 18.41 -6.64
C ALA C 230 1.82 19.59 -7.19
N VAL C 231 1.81 19.74 -8.51
CA VAL C 231 1.14 20.87 -9.13
C VAL C 231 0.13 20.44 -10.19
N VAL C 232 -1.06 21.03 -10.13
CA VAL C 232 -2.06 20.83 -11.17
C VAL C 232 -2.62 22.16 -11.65
N ASP C 233 -3.15 22.18 -12.87
CA ASP C 233 -3.97 23.28 -13.32
C ASP C 233 -5.36 23.05 -12.77
N GLU C 234 -5.81 23.94 -11.89
CA GLU C 234 -7.05 23.74 -11.17
C GLU C 234 -8.27 23.80 -12.08
N SER C 235 -8.16 24.55 -13.17
CA SER C 235 -9.26 24.68 -14.12
C SER C 235 -9.44 23.40 -14.94
N ILE C 236 -8.35 22.89 -15.48
CA ILE C 236 -8.37 21.67 -16.28
C ILE C 236 -8.78 20.48 -15.42
N ALA C 237 -8.19 20.36 -14.24
CA ALA C 237 -8.51 19.28 -13.32
C ALA C 237 -9.97 19.32 -12.89
N PHE C 238 -10.49 20.51 -12.67
CA PHE C 238 -11.90 20.69 -12.32
C PHE C 238 -12.79 20.15 -13.43
N ALA C 239 -12.46 20.51 -14.66
CA ALA C 239 -13.22 20.10 -15.84
C ALA C 239 -13.14 18.59 -16.05
N MET C 240 -11.97 18.01 -15.81
CA MET C 240 -11.78 16.58 -15.99
C MET C 240 -12.53 15.78 -14.92
N VAL C 241 -12.63 16.31 -13.71
CA VAL C 241 -13.36 15.66 -12.63
C VAL C 241 -14.79 16.25 -12.59
N ASP C 242 -15.54 15.99 -13.66
CA ASP C 242 -16.98 16.25 -13.71
C ASP C 242 -17.71 15.03 -14.25
N ASP C 243 -17.00 14.26 -15.09
CA ASP C 243 -17.52 12.98 -15.53
C ASP C 243 -17.61 12.07 -14.32
N LEU C 244 -16.78 12.35 -13.33
CA LEU C 244 -16.80 11.67 -12.05
C LEU C 244 -18.14 11.91 -11.34
N GLY D 1 21.66 15.93 4.46
CA GLY D 1 20.86 15.57 5.60
C GLY D 1 21.33 16.27 6.86
N PRO D 2 20.72 17.43 7.18
CA PRO D 2 21.09 18.30 8.29
C PRO D 2 20.95 17.66 9.68
N LEU D 3 21.10 18.48 10.72
CA LEU D 3 21.24 18.02 12.10
C LEU D 3 20.11 17.11 12.58
N GLY D 4 20.49 15.99 13.18
CA GLY D 4 19.54 15.05 13.74
C GLY D 4 19.19 13.93 12.78
N SER D 5 20.11 12.99 12.61
CA SER D 5 19.87 11.86 11.71
C SER D 5 18.97 10.81 12.34
N VAL D 6 18.91 10.82 13.67
CA VAL D 6 17.98 9.97 14.39
C VAL D 6 16.66 10.72 14.56
N ARG D 7 16.76 12.05 14.55
CA ARG D 7 15.60 12.91 14.70
C ARG D 7 14.87 13.11 13.37
N GLU D 8 15.55 12.81 12.27
CA GLU D 8 14.91 12.91 10.95
C GLU D 8 14.41 11.54 10.51
N GLU D 9 14.67 10.52 11.33
CA GLU D 9 14.10 9.19 11.10
C GLU D 9 12.79 9.06 11.87
N ILE D 10 12.75 9.67 13.05
CA ILE D 10 11.51 9.77 13.82
C ILE D 10 10.48 10.53 13.01
N GLU D 11 10.90 11.68 12.48
CA GLU D 11 10.05 12.52 11.65
C GLU D 11 9.60 11.78 10.39
N SER D 12 10.46 10.90 9.90
CA SER D 12 10.16 10.12 8.70
C SER D 12 9.19 8.97 9.01
N LEU D 13 9.33 8.39 10.20
CA LEU D 13 8.45 7.31 10.62
C LEU D 13 7.07 7.83 10.98
N VAL D 14 7.03 8.97 11.66
CA VAL D 14 5.77 9.61 12.00
C VAL D 14 5.02 10.01 10.72
N GLN D 15 5.77 10.46 9.72
CA GLN D 15 5.20 10.81 8.43
C GLN D 15 4.60 9.58 7.75
N ASP D 16 5.25 8.43 7.93
CA ASP D 16 4.76 7.17 7.37
C ASP D 16 3.43 6.79 8.01
N SER D 17 3.40 6.80 9.34
CA SER D 17 2.20 6.46 10.09
C SER D 17 1.07 7.44 9.81
N LEU D 18 1.43 8.71 9.68
CA LEU D 18 0.44 9.76 9.41
C LEU D 18 -0.21 9.57 8.03
N MET D 19 0.60 9.21 7.04
CA MET D 19 0.11 9.03 5.68
C MET D 19 -0.80 7.81 5.56
N GLU D 20 -0.52 6.77 6.34
CA GLU D 20 -1.33 5.57 6.29
C GLU D 20 -2.70 5.80 6.92
N MET D 21 -2.72 6.64 7.96
CA MET D 21 -3.98 7.01 8.59
C MET D 21 -4.82 7.86 7.65
N VAL D 22 -4.15 8.74 6.90
CA VAL D 22 -4.82 9.57 5.90
C VAL D 22 -5.51 8.68 4.87
N LYS D 23 -4.77 7.72 4.32
CA LYS D 23 -5.34 6.74 3.40
C LYS D 23 -6.33 5.84 4.13
N GLY D 24 -6.04 5.55 5.40
CA GLY D 24 -6.91 4.72 6.21
C GLY D 24 -8.25 5.39 6.45
N VAL D 25 -8.23 6.68 6.73
CA VAL D 25 -9.45 7.44 6.95
C VAL D 25 -10.29 7.51 5.67
N LYS D 26 -9.61 7.70 4.54
CA LYS D 26 -10.29 7.76 3.25
C LYS D 26 -10.94 6.42 2.87
N ASN D 27 -10.19 5.34 3.05
CA ASN D 27 -10.64 4.02 2.62
C ASN D 27 -11.81 3.48 3.44
N THR D 28 -12.04 4.06 4.61
CA THR D 28 -13.15 3.63 5.46
C THR D 28 -14.29 4.63 5.42
N ILE D 29 -14.04 5.84 5.93
CA ILE D 29 -15.07 6.88 6.00
C ILE D 29 -15.62 7.28 4.64
N GLU D 30 -14.74 7.69 3.73
CA GLU D 30 -15.17 8.24 2.44
C GLU D 30 -15.90 7.21 1.58
N SER D 31 -15.41 5.97 1.59
CA SER D 31 -16.08 4.90 0.86
C SER D 31 -17.40 4.56 1.52
N ASP D 32 -17.49 4.77 2.83
CA ASP D 32 -18.73 4.58 3.56
C ASP D 32 -19.70 5.72 3.30
N LEU D 33 -19.18 6.95 3.28
CA LEU D 33 -20.00 8.12 2.98
C LEU D 33 -20.53 8.05 1.55
N ALA D 34 -19.68 7.60 0.63
CA ALA D 34 -20.07 7.47 -0.77
C ALA D 34 -21.24 6.48 -0.91
N SER D 35 -21.16 5.38 -0.18
CA SER D 35 -22.24 4.39 -0.17
C SER D 35 -23.50 5.00 0.43
N LYS D 36 -23.35 5.69 1.56
CA LYS D 36 -24.46 6.31 2.25
C LYS D 36 -25.02 7.52 1.47
N LYS D 37 -24.18 8.12 0.64
CA LYS D 37 -24.61 9.24 -0.19
C LYS D 37 -25.65 8.80 -1.22
N GLY D 38 -25.31 7.79 -2.01
CA GLY D 38 -26.20 7.26 -3.02
C GLY D 38 -27.49 6.73 -2.43
N LEU D 39 -27.39 6.17 -1.23
CA LEU D 39 -28.56 5.66 -0.52
C LEU D 39 -29.48 6.80 -0.11
N ALA D 40 -28.88 7.89 0.37
CA ALA D 40 -29.64 9.06 0.80
C ALA D 40 -30.25 9.79 -0.40
N GLN D 41 -29.54 9.78 -1.52
CA GLN D 41 -30.00 10.44 -2.73
C GLN D 41 -31.23 9.74 -3.32
N SER D 42 -31.15 8.42 -3.44
CA SER D 42 -32.26 7.63 -3.96
C SER D 42 -33.47 7.72 -3.05
N THR D 43 -33.22 7.71 -1.74
CA THR D 43 -34.29 7.83 -0.75
C THR D 43 -35.00 9.17 -0.89
N THR D 44 -34.23 10.22 -1.18
CA THR D 44 -34.78 11.55 -1.34
C THR D 44 -35.64 11.65 -2.61
N GLU D 45 -35.17 11.02 -3.69
CA GLU D 45 -35.89 11.04 -4.95
C GLU D 45 -37.17 10.21 -4.90
N ILE D 46 -37.08 9.06 -4.23
CA ILE D 46 -38.23 8.18 -4.06
C ILE D 46 -39.31 8.87 -3.21
N LEU D 47 -38.86 9.65 -2.22
CA LEU D 47 -39.79 10.30 -1.30
C LEU D 47 -40.55 11.45 -1.94
N GLN D 48 -39.93 12.16 -2.88
CA GLN D 48 -40.59 13.29 -3.52
C GLN D 48 -41.45 12.84 -4.69
N LEU D 49 -41.71 11.53 -4.76
CA LEU D 49 -42.78 11.01 -5.62
C LEU D 49 -44.11 11.38 -4.97
N ASP D 50 -44.06 11.58 -3.65
CA ASP D 50 -45.21 12.05 -2.88
C ASP D 50 -44.70 12.67 -1.58
N PRO D 51 -44.05 13.85 -1.69
CA PRO D 51 -43.33 14.47 -0.58
C PRO D 51 -44.20 14.89 0.60
N THR D 52 -45.38 15.43 0.32
CA THR D 52 -46.28 15.89 1.38
C THR D 52 -46.93 14.71 2.10
N ASN D 53 -46.95 13.55 1.46
CA ASN D 53 -47.47 12.35 2.08
C ASN D 53 -46.52 11.86 3.17
N LYS D 54 -46.82 12.24 4.40
CA LYS D 54 -45.94 11.96 5.54
C LYS D 54 -46.08 10.52 6.02
N ALA D 55 -47.17 9.88 5.64
CA ALA D 55 -47.35 8.46 5.94
C ALA D 55 -46.42 7.63 5.06
N PHE D 56 -46.32 8.02 3.79
CA PHE D 56 -45.42 7.38 2.85
C PHE D 56 -43.97 7.59 3.27
N ALA D 57 -43.67 8.79 3.77
CA ALA D 57 -42.34 9.13 4.24
C ALA D 57 -41.93 8.25 5.42
N LYS D 58 -42.84 8.12 6.39
CA LYS D 58 -42.60 7.29 7.57
C LYS D 58 -42.39 5.83 7.18
N SER D 59 -43.13 5.37 6.18
CA SER D 59 -43.01 3.99 5.70
C SER D 59 -41.62 3.73 5.14
N VAL D 60 -41.11 4.68 4.38
CA VAL D 60 -39.80 4.54 3.75
C VAL D 60 -38.67 4.61 4.78
N LEU D 61 -38.81 5.51 5.75
CA LEU D 61 -37.75 5.71 6.76
C LEU D 61 -37.75 4.63 7.83
N GLU D 62 -38.80 3.81 7.86
CA GLU D 62 -38.86 2.70 8.81
C GLU D 62 -38.38 1.41 8.17
N SER D 63 -38.05 1.48 6.88
CA SER D 63 -37.52 0.33 6.16
C SER D 63 -36.20 -0.14 6.78
N PRO D 64 -36.12 -1.43 7.13
CA PRO D 64 -35.05 -2.03 7.94
C PRO D 64 -33.62 -1.74 7.48
N ASN D 65 -33.33 -1.94 6.19
CA ASN D 65 -31.97 -1.70 5.71
C ASN D 65 -31.59 -0.23 5.78
N LEU D 66 -32.51 0.63 5.37
CA LEU D 66 -32.31 2.07 5.46
C LEU D 66 -32.26 2.52 6.92
N LYS D 67 -33.08 1.89 7.74
CA LYS D 67 -33.16 2.19 9.17
C LYS D 67 -31.89 1.77 9.90
N GLY D 68 -31.23 0.74 9.38
CA GLY D 68 -30.03 0.20 10.00
C GLY D 68 -28.74 0.73 9.41
N SER D 69 -28.85 1.58 8.39
CA SER D 69 -27.67 2.12 7.72
C SER D 69 -27.27 3.48 8.28
N PHE D 70 -28.16 4.11 9.02
CA PHE D 70 -27.89 5.42 9.59
C PHE D 70 -28.23 5.47 11.08
N LEU D 71 -27.63 6.42 11.78
CA LEU D 71 -27.95 6.65 13.18
C LEU D 71 -29.41 7.07 13.31
N ALA D 72 -29.82 8.00 12.47
CA ALA D 72 -31.21 8.45 12.42
C ALA D 72 -31.49 9.17 11.10
N ILE D 73 -32.73 9.01 10.62
CA ILE D 73 -33.16 9.68 9.40
C ILE D 73 -34.41 10.50 9.68
N GLY D 74 -34.52 11.66 9.03
CA GLY D 74 -35.67 12.50 9.25
C GLY D 74 -35.96 13.49 8.14
N LEU D 75 -37.13 14.09 8.21
CA LEU D 75 -37.56 15.08 7.23
C LEU D 75 -38.24 16.27 7.91
N GLY D 76 -37.74 17.47 7.64
CA GLY D 76 -38.31 18.67 8.19
C GLY D 76 -38.99 19.49 7.10
N TYR D 77 -40.20 19.96 7.37
CA TYR D 77 -40.98 20.68 6.37
C TYR D 77 -40.84 22.19 6.49
N GLU D 78 -40.85 22.87 5.35
CA GLU D 78 -40.62 24.32 5.31
C GLU D 78 -41.80 25.10 5.89
N SER D 79 -43.01 24.74 5.50
CA SER D 79 -44.20 25.46 5.91
C SER D 79 -44.57 25.21 7.37
N ASP D 80 -44.48 23.95 7.79
CA ASP D 80 -44.95 23.54 9.10
C ASP D 80 -43.87 23.51 10.18
N ALA D 81 -42.64 23.24 9.75
CA ALA D 81 -41.54 22.83 10.65
C ALA D 81 -41.88 21.48 11.29
N THR D 82 -42.79 20.76 10.66
CA THR D 82 -43.16 19.41 11.06
C THR D 82 -42.00 18.46 10.74
N VAL D 83 -41.73 17.53 11.66
CA VAL D 83 -40.63 16.59 11.47
C VAL D 83 -41.09 15.13 11.43
N VAL D 84 -40.83 14.47 10.32
CA VAL D 84 -41.01 13.03 10.20
C VAL D 84 -39.68 12.36 10.48
N GLU D 85 -39.66 11.41 11.42
CA GLU D 85 -38.40 10.90 11.95
C GLU D 85 -38.50 9.43 12.39
N ASN D 86 -37.40 8.69 12.26
CA ASN D 86 -37.40 7.24 12.50
C ASN D 86 -36.62 6.76 13.72
N ASP D 87 -36.37 7.64 14.67
CA ASP D 87 -35.59 7.29 15.86
C ASP D 87 -36.51 6.90 17.02
N ASP D 88 -36.53 5.62 17.37
CA ASP D 88 -37.37 5.13 18.45
C ASP D 88 -36.96 5.69 19.82
N GLY D 89 -35.90 6.49 19.84
CA GLY D 89 -35.42 7.08 21.08
C GLY D 89 -35.35 8.60 21.06
N TRP D 90 -35.91 9.22 20.03
CA TRP D 90 -35.93 10.68 19.97
C TRP D 90 -37.25 11.23 19.43
N GLU D 91 -37.71 12.31 20.04
CA GLU D 91 -38.84 13.07 19.53
C GLU D 91 -38.54 14.55 19.73
N PRO D 92 -38.93 15.39 18.76
CA PRO D 92 -38.63 16.83 18.78
C PRO D 92 -39.03 17.53 20.07
N ASN D 93 -38.24 18.52 20.45
CA ASN D 93 -38.50 19.34 21.63
C ASN D 93 -39.76 20.19 21.44
N ALA D 94 -40.01 21.09 22.38
CA ALA D 94 -40.97 22.16 22.14
C ALA D 94 -40.28 23.19 21.26
N ASP D 95 -38.95 23.09 21.22
CA ASP D 95 -38.10 24.13 20.65
C ASP D 95 -37.41 23.69 19.36
N TYR D 96 -37.76 22.53 18.82
CA TYR D 96 -36.95 21.97 17.73
C TYR D 96 -37.41 22.41 16.35
N ASP D 97 -36.71 23.39 15.79
CA ASP D 97 -36.95 23.84 14.43
C ASP D 97 -35.91 23.24 13.49
N PRO D 98 -36.35 22.32 12.61
CA PRO D 98 -35.44 21.72 11.63
C PRO D 98 -34.83 22.77 10.71
N ARG D 99 -35.60 23.79 10.37
CA ARG D 99 -35.21 24.79 9.39
C ARG D 99 -34.05 25.68 9.82
N LYS D 100 -33.59 25.53 11.05
CA LYS D 100 -32.45 26.29 11.54
C LYS D 100 -31.34 25.34 12.00
N ARG D 101 -31.42 24.09 11.57
CA ARG D 101 -30.38 23.10 11.82
C ARG D 101 -29.35 23.13 10.68
N PRO D 102 -28.10 22.73 10.97
CA PRO D 102 -27.03 22.80 9.98
C PRO D 102 -27.30 22.01 8.69
N TRP D 103 -27.80 20.79 8.82
CA TRP D 103 -28.08 19.93 7.67
C TRP D 103 -29.18 20.52 6.79
N TYR D 104 -30.11 21.23 7.40
CA TYR D 104 -31.23 21.84 6.69
C TYR D 104 -30.78 23.07 5.93
N VAL D 105 -30.12 23.98 6.65
CA VAL D 105 -29.64 25.23 6.07
C VAL D 105 -28.71 24.96 4.89
N ASP D 106 -27.80 24.01 5.05
CA ASP D 106 -26.86 23.64 3.99
C ASP D 106 -27.57 23.09 2.76
N ALA D 107 -28.55 22.21 2.99
CA ALA D 107 -29.27 21.56 1.89
C ALA D 107 -30.11 22.55 1.11
N LYS D 108 -30.77 23.46 1.81
CA LYS D 108 -31.60 24.49 1.19
C LYS D 108 -30.74 25.50 0.44
N ARG D 109 -29.54 25.75 0.97
CA ARG D 109 -28.62 26.72 0.38
C ARG D 109 -27.97 26.21 -0.90
N GLU D 110 -27.52 24.96 -0.87
CA GLU D 110 -26.82 24.37 -2.01
C GLU D 110 -27.77 23.87 -3.08
N ARG D 111 -29.02 23.63 -2.69
CA ARG D 111 -30.04 23.07 -3.58
C ARG D 111 -29.60 21.72 -4.14
N LYS D 112 -28.78 21.01 -3.36
CA LYS D 112 -28.29 19.69 -3.73
C LYS D 112 -27.94 18.92 -2.47
N LEU D 113 -27.43 17.69 -2.63
CA LEU D 113 -27.00 16.89 -1.49
C LEU D 113 -25.76 17.52 -0.86
N VAL D 114 -25.79 17.69 0.46
CA VAL D 114 -24.66 18.28 1.17
C VAL D 114 -24.24 17.39 2.34
N VAL D 115 -22.98 17.53 2.76
CA VAL D 115 -22.49 16.88 3.97
C VAL D 115 -22.03 17.96 4.95
N THR D 116 -22.48 17.85 6.19
CA THR D 116 -22.17 18.86 7.21
C THR D 116 -20.80 18.62 7.84
N GLU D 117 -20.30 19.65 8.52
CA GLU D 117 -19.11 19.50 9.35
C GLU D 117 -19.53 18.92 10.70
N PRO D 118 -18.59 18.25 11.40
CA PRO D 118 -18.89 17.62 12.69
C PRO D 118 -19.54 18.55 13.71
N TYR D 119 -20.75 18.22 14.11
CA TYR D 119 -21.45 18.97 15.16
C TYR D 119 -22.05 17.98 16.16
N VAL D 120 -22.29 18.45 17.38
CA VAL D 120 -22.84 17.59 18.42
C VAL D 120 -24.34 17.36 18.22
N ASP D 121 -24.73 16.10 18.13
CA ASP D 121 -26.13 15.73 17.95
C ASP D 121 -26.98 16.20 19.12
N ILE D 122 -28.28 16.38 18.90
CA ILE D 122 -29.14 16.90 19.96
C ILE D 122 -29.67 15.77 20.87
N SER D 123 -29.97 14.62 20.30
CA SER D 123 -30.43 13.49 21.11
C SER D 123 -29.26 12.72 21.72
N THR D 124 -28.36 12.28 20.87
CA THR D 124 -27.23 11.47 21.29
C THR D 124 -26.18 12.30 22.01
N LYS D 125 -26.09 13.58 21.65
CA LYS D 125 -25.08 14.49 22.20
C LYS D 125 -23.66 14.03 21.91
N LYS D 126 -23.51 13.16 20.91
CA LYS D 126 -22.19 12.84 20.40
C LYS D 126 -21.94 13.66 19.13
N ILE D 127 -20.68 13.77 18.73
CA ILE D 127 -20.35 14.52 17.53
C ILE D 127 -20.57 13.66 16.29
N ILE D 128 -21.39 14.16 15.37
CA ILE D 128 -21.74 13.42 14.16
C ILE D 128 -21.70 14.31 12.92
N ILE D 129 -21.71 13.69 11.76
CA ILE D 129 -21.91 14.40 10.51
C ILE D 129 -23.23 13.96 9.89
N SER D 130 -23.91 14.88 9.23
CA SER D 130 -25.21 14.58 8.65
C SER D 130 -25.23 14.79 7.14
N ILE D 131 -25.91 13.88 6.45
CA ILE D 131 -26.13 14.03 5.02
C ILE D 131 -27.42 14.82 4.79
N GLY D 132 -27.28 16.01 4.21
CA GLY D 132 -28.42 16.87 3.98
C GLY D 132 -28.88 16.87 2.53
N THR D 133 -30.18 16.63 2.33
CA THR D 133 -30.76 16.65 0.99
C THR D 133 -32.02 17.50 0.96
N PRO D 134 -32.17 18.34 -0.07
CA PRO D 134 -33.37 19.16 -0.26
C PRO D 134 -34.52 18.35 -0.85
N VAL D 135 -35.75 18.69 -0.47
CA VAL D 135 -36.92 18.00 -1.00
C VAL D 135 -37.81 18.96 -1.77
N TYR D 136 -38.22 18.56 -2.97
CA TYR D 136 -39.04 19.41 -3.82
C TYR D 136 -40.34 18.71 -4.23
N GLN D 137 -41.47 19.38 -4.00
CA GLN D 137 -42.76 18.87 -4.44
C GLN D 137 -42.73 18.77 -5.96
N GLN D 138 -42.55 19.91 -6.60
CA GLN D 138 -42.21 19.98 -8.02
C GLN D 138 -41.66 21.38 -8.30
N SER D 139 -40.35 21.52 -8.10
CA SER D 139 -39.62 22.79 -8.19
C SER D 139 -39.93 23.75 -7.04
N ASN D 140 -40.82 23.34 -6.15
CA ASN D 140 -41.10 24.10 -4.93
C ASN D 140 -40.46 23.42 -3.72
N PHE D 141 -39.62 24.18 -3.00
CA PHE D 141 -38.91 23.64 -1.85
C PHE D 141 -39.84 23.42 -0.66
N VAL D 142 -40.01 22.15 -0.27
CA VAL D 142 -40.90 21.82 0.83
C VAL D 142 -40.14 21.51 2.11
N GLY D 143 -38.86 21.16 1.99
CA GLY D 143 -38.05 20.88 3.16
C GLY D 143 -36.76 20.13 2.88
N ALA D 144 -36.09 19.73 3.95
CA ALA D 144 -34.81 19.03 3.84
C ALA D 144 -34.77 17.77 4.70
N MET D 145 -33.83 16.88 4.39
CA MET D 145 -33.69 15.64 5.15
C MET D 145 -32.33 15.53 5.82
N PHE D 146 -32.28 14.86 6.96
CA PHE D 146 -31.01 14.55 7.59
C PHE D 146 -30.78 13.04 7.64
N TYR D 147 -29.55 12.64 7.35
CA TYR D 147 -29.13 11.25 7.47
C TYR D 147 -27.91 11.20 8.38
N ASP D 148 -28.16 11.01 9.68
CA ASP D 148 -27.10 11.06 10.67
C ASP D 148 -26.09 9.93 10.53
N VAL D 149 -24.81 10.29 10.60
CA VAL D 149 -23.72 9.32 10.54
C VAL D 149 -22.80 9.50 11.74
N GLU D 150 -22.74 8.49 12.60
CA GLU D 150 -21.87 8.53 13.76
C GLU D 150 -20.43 8.22 13.37
N LEU D 151 -19.50 8.99 13.92
CA LEU D 151 -18.08 8.84 13.60
C LEU D 151 -17.43 7.73 14.41
N THR D 152 -18.00 6.53 14.31
CA THR D 152 -17.53 5.38 15.07
C THR D 152 -16.18 4.87 14.56
N GLN D 153 -16.06 4.76 13.24
CA GLN D 153 -14.84 4.23 12.63
C GLN D 153 -13.62 5.11 12.88
N LEU D 154 -13.85 6.40 13.16
CA LEU D 154 -12.77 7.31 13.51
C LEU D 154 -12.25 7.00 14.91
N ALA D 155 -13.15 6.58 15.79
CA ALA D 155 -12.77 6.21 17.15
C ALA D 155 -11.97 4.91 17.14
N GLN D 156 -12.30 4.04 16.20
CA GLN D 156 -11.64 2.73 16.10
C GLN D 156 -10.25 2.84 15.46
N LEU D 157 -10.15 3.63 14.40
CA LEU D 157 -8.88 3.83 13.70
C LEU D 157 -7.82 4.43 14.61
N VAL D 158 -8.19 5.51 15.29
CA VAL D 158 -7.28 6.23 16.17
C VAL D 158 -6.83 5.36 17.36
N ASN D 159 -7.77 4.61 17.93
CA ASN D 159 -7.47 3.74 19.06
C ASN D 159 -6.48 2.62 18.72
N SER D 160 -6.58 2.10 17.51
CA SER D 160 -5.78 0.95 17.09
C SER D 160 -4.29 1.28 16.97
N VAL D 161 -3.98 2.43 16.38
CA VAL D 161 -2.61 2.78 16.07
C VAL D 161 -1.84 3.33 17.27
N ASN D 162 -0.65 2.78 17.50
CA ASN D 162 0.25 3.27 18.54
C ASN D 162 1.60 3.60 17.93
N LEU D 163 1.99 4.88 18.01
CA LEU D 163 3.22 5.35 17.38
C LEU D 163 4.46 4.87 18.15
N PHE D 164 4.79 3.60 17.93
CA PHE D 164 5.85 2.87 18.65
C PHE D 164 6.09 3.35 20.09
N ASP D 165 5.04 3.24 20.90
CA ASP D 165 5.10 3.53 22.34
C ASP D 165 5.45 4.99 22.68
N ALA D 166 5.66 5.81 21.67
CA ALA D 166 6.07 7.19 21.90
C ALA D 166 4.90 8.16 21.80
N GLY D 167 3.84 7.75 21.11
CA GLY D 167 2.68 8.61 20.96
C GLY D 167 1.49 7.99 20.24
N TYR D 168 0.66 8.84 19.65
CA TYR D 168 -0.62 8.41 19.08
C TYR D 168 -1.11 9.35 17.97
N LEU D 169 -2.08 8.88 17.21
CA LEU D 169 -2.73 9.69 16.18
C LEU D 169 -4.05 10.24 16.72
N PHE D 170 -4.51 11.34 16.14
CA PHE D 170 -5.80 11.92 16.52
C PHE D 170 -6.37 12.79 15.40
N ILE D 171 -7.67 13.03 15.45
CA ILE D 171 -8.36 13.76 14.39
C ILE D 171 -9.13 14.96 14.93
N THR D 172 -8.99 16.11 14.28
CA THR D 172 -9.71 17.32 14.67
C THR D 172 -10.55 17.86 13.51
N THR D 173 -11.34 18.88 13.79
CA THR D 173 -12.12 19.55 12.75
C THR D 173 -11.28 20.66 12.10
N LYS D 174 -11.90 21.43 11.22
CA LYS D 174 -11.22 22.54 10.58
C LYS D 174 -10.97 23.66 11.59
N ASP D 175 -11.69 23.63 12.70
CA ASP D 175 -11.56 24.64 13.74
C ASP D 175 -10.82 24.08 14.96
N GLY D 176 -10.13 22.97 14.77
CA GLY D 176 -9.30 22.38 15.81
C GLY D 176 -10.06 21.74 16.95
N VAL D 177 -11.30 21.35 16.70
CA VAL D 177 -12.11 20.66 17.71
C VAL D 177 -11.94 19.15 17.57
N THR D 178 -11.43 18.53 18.62
CA THR D 178 -11.15 17.09 18.61
C THR D 178 -12.42 16.26 18.44
N ILE D 179 -12.37 15.28 17.54
CA ILE D 179 -13.50 14.40 17.30
C ILE D 179 -13.09 12.93 17.48
N ALA D 180 -11.80 12.67 17.48
CA ALA D 180 -11.28 11.33 17.67
C ALA D 180 -10.00 11.34 18.50
N HIS D 181 -9.99 10.54 19.56
CA HIS D 181 -8.86 10.52 20.49
C HIS D 181 -8.79 9.16 21.18
N PRO D 182 -7.57 8.68 21.48
CA PRO D 182 -7.41 7.42 22.24
C PRO D 182 -8.14 7.49 23.57
N ASN D 183 -8.05 8.65 24.23
CA ASN D 183 -8.88 8.95 25.38
C ASN D 183 -10.06 9.79 24.92
N ALA D 184 -11.23 9.18 24.88
CA ALA D 184 -12.40 9.78 24.23
C ALA D 184 -12.94 11.04 24.91
N GLU D 185 -12.49 11.34 26.13
CA GLU D 185 -13.01 12.51 26.83
C GLU D 185 -12.37 13.81 26.36
N ASN D 186 -11.36 13.70 25.49
CA ASN D 186 -10.81 14.88 24.86
C ASN D 186 -11.67 15.31 23.67
N ASN D 187 -12.60 14.46 23.28
CA ASN D 187 -13.52 14.76 22.18
C ASN D 187 -14.43 15.93 22.50
N GLY D 188 -14.66 16.79 21.50
CA GLY D 188 -15.52 17.94 21.67
C GLY D 188 -14.76 19.17 22.12
N GLU D 189 -13.59 18.94 22.71
CA GLU D 189 -12.74 20.03 23.16
C GLU D 189 -11.73 20.41 22.09
N LYS D 190 -11.27 21.65 22.13
CA LYS D 190 -10.20 22.07 21.23
C LYS D 190 -8.93 21.31 21.62
N PHE D 191 -8.13 20.92 20.65
CA PHE D 191 -6.97 20.06 20.90
C PHE D 191 -5.88 20.80 21.69
N SER D 192 -6.13 22.07 21.98
CA SER D 192 -5.15 22.91 22.68
C SER D 192 -5.05 22.60 24.17
N GLN D 193 -5.96 21.79 24.71
CA GLN D 193 -5.93 21.50 26.14
C GLN D 193 -5.10 20.27 26.47
N PHE D 194 -4.91 19.37 25.50
CA PHE D 194 -3.99 18.26 25.68
C PHE D 194 -2.74 18.48 24.84
N LEU D 195 -2.84 19.38 23.87
CA LEU D 195 -1.68 19.75 23.06
C LEU D 195 -1.63 21.27 22.83
N PRO D 196 -1.29 22.04 23.87
CA PRO D 196 -1.24 23.50 23.77
C PRO D 196 -0.05 24.02 22.98
N ASN D 197 -0.14 25.27 22.53
CA ASN D 197 0.93 25.94 21.82
C ASN D 197 1.33 25.22 20.54
N VAL D 198 0.34 24.66 19.85
CA VAL D 198 0.56 24.03 18.56
C VAL D 198 -0.40 24.61 17.53
N ASP D 199 0.13 25.04 16.40
CA ASP D 199 -0.69 25.60 15.33
C ASP D 199 -1.36 24.49 14.53
N LEU D 200 -2.64 24.68 14.21
CA LEU D 200 -3.34 23.74 13.35
C LEU D 200 -2.95 23.99 11.90
N LYS D 201 -1.86 23.34 11.47
CA LYS D 201 -1.32 23.54 10.14
C LYS D 201 -0.62 22.29 9.65
N GLU D 202 -0.66 22.04 8.34
CA GLU D 202 0.05 20.92 7.76
C GLU D 202 1.55 21.14 7.85
N GLY D 203 2.28 20.09 8.23
CA GLY D 203 3.73 20.18 8.38
C GLY D 203 4.22 19.66 9.71
N THR D 204 5.45 20.01 10.05
CA THR D 204 6.09 19.52 11.27
C THR D 204 6.30 20.63 12.30
N GLN D 205 5.91 20.36 13.54
CA GLN D 205 6.14 21.30 14.64
C GLN D 205 6.86 20.62 15.80
N ARG D 206 7.76 21.37 16.43
CA ARG D 206 8.43 20.89 17.64
C ARG D 206 8.26 21.88 18.78
N ILE D 207 7.78 21.39 19.92
CA ILE D 207 7.54 22.24 21.08
C ILE D 207 8.10 21.64 22.36
N GLU D 208 8.17 22.46 23.39
CA GLU D 208 8.53 21.98 24.72
C GLU D 208 7.39 22.29 25.69
N LEU D 209 6.91 21.26 26.38
CA LEU D 209 5.83 21.44 27.35
C LEU D 209 6.21 20.92 28.72
N ASP D 210 6.70 21.83 29.57
CA ASP D 210 6.98 21.54 30.96
C ASP D 210 7.99 20.41 31.14
N GLY D 211 9.15 20.55 30.52
CA GLY D 211 10.23 19.57 30.67
C GLY D 211 10.18 18.45 29.66
N LYS D 212 9.17 18.46 28.80
CA LYS D 212 9.00 17.42 27.80
C LYS D 212 9.15 17.97 26.38
N TYR D 213 9.61 17.12 25.47
CA TYR D 213 9.77 17.50 24.06
C TYR D 213 8.83 16.68 23.19
N TYR D 214 8.04 17.36 22.37
CA TYR D 214 7.05 16.68 21.53
C TYR D 214 7.24 16.98 20.05
N LEU D 215 6.97 15.98 19.21
CA LEU D 215 6.99 16.14 17.77
C LEU D 215 5.57 16.05 17.24
N VAL D 216 5.12 17.07 16.52
CA VAL D 216 3.75 17.12 16.03
C VAL D 216 3.69 17.24 14.51
N LYS D 217 2.87 16.41 13.89
CA LYS D 217 2.64 16.48 12.45
C LYS D 217 1.14 16.45 12.14
N PHE D 218 0.71 17.37 11.28
CA PHE D 218 -0.68 17.44 10.86
C PHE D 218 -0.85 17.18 9.36
N ALA D 219 -1.89 16.43 9.02
CA ALA D 219 -2.26 16.23 7.62
C ALA D 219 -3.76 16.49 7.48
N GLN D 220 -4.18 16.90 6.29
CA GLN D 220 -5.58 17.24 6.08
C GLN D 220 -6.33 16.17 5.30
N VAL D 221 -7.64 16.09 5.54
CA VAL D 221 -8.52 15.24 4.76
C VAL D 221 -9.46 16.12 3.95
N PRO D 222 -9.05 16.45 2.72
CA PRO D 222 -9.70 17.46 1.84
C PRO D 222 -11.22 17.32 1.72
N SER D 223 -11.71 16.11 1.51
CA SER D 223 -13.13 15.91 1.28
C SER D 223 -13.99 16.22 2.50
N GLU D 224 -13.50 15.82 3.68
CA GLU D 224 -14.23 16.06 4.92
C GLU D 224 -13.68 17.26 5.68
N SER D 225 -12.62 17.84 5.14
CA SER D 225 -11.97 19.03 5.72
C SER D 225 -11.51 18.80 7.16
N TRP D 226 -11.13 17.57 7.48
CA TRP D 226 -10.62 17.24 8.81
C TRP D 226 -9.11 17.30 8.85
N TYR D 227 -8.55 17.48 10.04
CA TYR D 227 -7.11 17.41 10.24
C TYR D 227 -6.75 16.13 11.00
N ILE D 228 -5.71 15.45 10.55
CA ILE D 228 -5.19 14.29 11.26
C ILE D 228 -3.86 14.65 11.93
N GLY D 229 -3.79 14.44 13.24
CA GLY D 229 -2.62 14.83 14.00
C GLY D 229 -1.82 13.68 14.56
N ALA D 230 -0.50 13.86 14.60
CA ALA D 230 0.40 12.84 15.14
C ALA D 230 1.30 13.46 16.21
N VAL D 231 1.29 12.88 17.40
CA VAL D 231 2.14 13.35 18.49
C VAL D 231 3.00 12.23 19.05
N VAL D 232 4.27 12.53 19.28
CA VAL D 232 5.17 11.62 20.00
C VAL D 232 6.02 12.41 20.97
N ASP D 233 6.49 11.74 22.03
CA ASP D 233 7.52 12.32 22.86
C ASP D 233 8.84 12.02 22.17
N GLU D 234 9.53 13.07 21.74
CA GLU D 234 10.74 12.93 20.96
C GLU D 234 11.85 12.23 21.76
N SER D 235 11.88 12.47 23.06
CA SER D 235 12.89 11.87 23.93
C SER D 235 12.73 10.37 24.02
N ILE D 236 11.50 9.91 24.26
CA ILE D 236 11.20 8.48 24.31
C ILE D 236 11.45 7.83 22.95
N ALA D 237 11.02 8.52 21.89
CA ALA D 237 11.16 8.04 20.54
C ALA D 237 12.63 7.96 20.11
N PHE D 238 13.41 8.97 20.50
CA PHE D 238 14.83 9.05 20.17
C PHE D 238 15.58 7.84 20.70
N ALA D 239 15.49 7.62 22.01
CA ALA D 239 16.19 6.52 22.66
C ALA D 239 15.72 5.16 22.16
N MET D 240 14.49 5.10 21.68
CA MET D 240 13.91 3.85 21.21
C MET D 240 14.51 3.43 19.87
N VAL D 241 15.09 4.39 19.16
CA VAL D 241 15.77 4.08 17.89
C VAL D 241 17.18 4.68 17.88
#